data_1ZVA
# 
_entry.id   1ZVA 
# 
_audit_conform.dict_name       mmcif_pdbx.dic 
_audit_conform.dict_version    5.376 
_audit_conform.dict_location   http://mmcif.pdb.org/dictionaries/ascii/mmcif_pdbx.dic 
# 
loop_
_database_2.database_id 
_database_2.database_code 
_database_2.pdbx_database_accession 
_database_2.pdbx_DOI 
PDB   1ZVA         pdb_00001zva 10.2210/pdb1zva/pdb 
RCSB  RCSB033161   ?            ?                   
WWPDB D_1000033161 ?            ?                   
# 
loop_
_pdbx_database_related.db_name 
_pdbx_database_related.db_id 
_pdbx_database_related.details 
_pdbx_database_related.content_type 
PDB 1ZV7 'Crystal structure of the SARS spike protein' unspecified 
PDB 1ZV8 'Crystal structure of the SARS spike protein' unspecified 
PDB 1ZVB 'Crystal structure of the SARS spike protein' unspecified 
# 
_pdbx_database_status.status_code                     REL 
_pdbx_database_status.entry_id                        1ZVA 
_pdbx_database_status.recvd_initial_deposition_date   2005-06-01 
_pdbx_database_status.deposit_site                    RCSB 
_pdbx_database_status.process_site                    RCSB 
_pdbx_database_status.status_code_sf                  REL 
_pdbx_database_status.status_code_mr                  ? 
_pdbx_database_status.SG_entry                        ? 
_pdbx_database_status.pdb_format_compatible           Y 
_pdbx_database_status.status_code_cs                  ? 
_pdbx_database_status.methods_development_category    ? 
_pdbx_database_status.status_code_nmr_data            ? 
# 
loop_
_audit_author.name 
_audit_author.pdbx_ordinal 
'Deng, Y.'  1 
'Liu, J.'   2 
'Zheng, Q.' 3 
'Yong, W.'  4 
'Dai, J.'   5 
'Lu, M.'    6 
# 
_citation.id                        primary 
_citation.title                     
'Structures and Polymorphic Interactions of Two Heptad-Repeat Regions of the SARS Virus S2 Protein.' 
_citation.journal_abbrev            Structure 
_citation.journal_volume            14 
_citation.page_first                889 
_citation.page_last                 899 
_citation.year                      2006 
_citation.journal_id_ASTM           STRUE6 
_citation.country                   UK 
_citation.journal_id_ISSN           0969-2126 
_citation.journal_id_CSD            2005 
_citation.book_publisher            ? 
_citation.pdbx_database_id_PubMed   16698550 
_citation.pdbx_database_id_DOI      10.1016/j.str.2006.03.007 
# 
loop_
_citation_author.citation_id 
_citation_author.name 
_citation_author.ordinal 
_citation_author.identifier_ORCID 
primary 'Deng, Y.'  1 ? 
primary 'Liu, J.'   2 ? 
primary 'Zheng, Q.' 3 ? 
primary 'Yong, W.'  4 ? 
primary 'Lu, M.'    5 ? 
# 
_cell.entry_id           1ZVA 
_cell.length_a           40.970 
_cell.length_b           146.593 
_cell.length_c           24.013 
_cell.angle_alpha        90.00 
_cell.angle_beta         90.00 
_cell.angle_gamma        90.00 
_cell.Z_PDB              8 
_cell.pdbx_unique_axis   ? 
_cell.length_a_esd       ? 
_cell.length_b_esd       ? 
_cell.length_c_esd       ? 
_cell.angle_alpha_esd    ? 
_cell.angle_beta_esd     ? 
_cell.angle_gamma_esd    ? 
# 
_symmetry.entry_id                         1ZVA 
_symmetry.space_group_name_H-M             'C 2 2 21' 
_symmetry.pdbx_full_space_group_name_H-M   ? 
_symmetry.cell_setting                     ? 
_symmetry.Int_Tables_number                20 
_symmetry.space_group_name_Hall            ? 
# 
loop_
_entity.id 
_entity.type 
_entity.src_method 
_entity.pdbx_description 
_entity.formula_weight 
_entity.pdbx_number_of_molecules 
_entity.pdbx_ec 
_entity.pdbx_mutation 
_entity.pdbx_fragment 
_entity.details 
1 polymer man 'E2 glycoprotein' 8110.027 1  ? ? 'residues 926-962 and residues 1150-1183' ? 
2 water   nat water             18.015   76 ? ? ?                                         ? 
# 
_entity_name_com.entity_id   1 
_entity_name_com.name        'Spike glycoprotein, Peplomer protein' 
# 
_entity_poly.entity_id                      1 
_entity_poly.type                           'polypeptide(L)' 
_entity_poly.nstd_linkage                   no 
_entity_poly.nstd_monomer                   no 
_entity_poly.pdbx_seq_one_letter_code       ALGKLQDVVNQNAQALNTLVKQLSSNFGAISSVLNDISGGRGGDISGINASVVNIQKEIDRLNEVAKNLNESLIDLQ 
_entity_poly.pdbx_seq_one_letter_code_can   ALGKLQDVVNQNAQALNTLVKQLSSNFGAISSVLNDISGGRGGDISGINASVVNIQKEIDRLNEVAKNLNESLIDLQ 
_entity_poly.pdbx_strand_id                 A 
_entity_poly.pdbx_target_identifier         ? 
# 
loop_
_entity_poly_seq.entity_id 
_entity_poly_seq.num 
_entity_poly_seq.mon_id 
_entity_poly_seq.hetero 
1 1  ALA n 
1 2  LEU n 
1 3  GLY n 
1 4  LYS n 
1 5  LEU n 
1 6  GLN n 
1 7  ASP n 
1 8  VAL n 
1 9  VAL n 
1 10 ASN n 
1 11 GLN n 
1 12 ASN n 
1 13 ALA n 
1 14 GLN n 
1 15 ALA n 
1 16 LEU n 
1 17 ASN n 
1 18 THR n 
1 19 LEU n 
1 20 VAL n 
1 21 LYS n 
1 22 GLN n 
1 23 LEU n 
1 24 SER n 
1 25 SER n 
1 26 ASN n 
1 27 PHE n 
1 28 GLY n 
1 29 ALA n 
1 30 ILE n 
1 31 SER n 
1 32 SER n 
1 33 VAL n 
1 34 LEU n 
1 35 ASN n 
1 36 ASP n 
1 37 ILE n 
1 38 SER n 
1 39 GLY n 
1 40 GLY n 
1 41 ARG n 
1 42 GLY n 
1 43 GLY n 
1 44 ASP n 
1 45 ILE n 
1 46 SER n 
1 47 GLY n 
1 48 ILE n 
1 49 ASN n 
1 50 ALA n 
1 51 SER n 
1 52 VAL n 
1 53 VAL n 
1 54 ASN n 
1 55 ILE n 
1 56 GLN n 
1 57 LYS n 
1 58 GLU n 
1 59 ILE n 
1 60 ASP n 
1 61 ARG n 
1 62 LEU n 
1 63 ASN n 
1 64 GLU n 
1 65 VAL n 
1 66 ALA n 
1 67 LYS n 
1 68 ASN n 
1 69 LEU n 
1 70 ASN n 
1 71 GLU n 
1 72 SER n 
1 73 LEU n 
1 74 ILE n 
1 75 ASP n 
1 76 LEU n 
1 77 GLN n 
# 
loop_
_entity_src_gen.entity_id 
_entity_src_gen.pdbx_src_id 
_entity_src_gen.pdbx_alt_source_flag 
_entity_src_gen.pdbx_seq_type 
_entity_src_gen.pdbx_beg_seq_num 
_entity_src_gen.pdbx_end_seq_num 
_entity_src_gen.gene_src_common_name 
_entity_src_gen.gene_src_genus 
_entity_src_gen.pdbx_gene_src_gene 
_entity_src_gen.gene_src_species 
_entity_src_gen.gene_src_strain 
_entity_src_gen.gene_src_tissue 
_entity_src_gen.gene_src_tissue_fraction 
_entity_src_gen.gene_src_details 
_entity_src_gen.pdbx_gene_src_fragment 
_entity_src_gen.pdbx_gene_src_scientific_name 
_entity_src_gen.pdbx_gene_src_ncbi_taxonomy_id 
_entity_src_gen.pdbx_gene_src_variant 
_entity_src_gen.pdbx_gene_src_cell_line 
_entity_src_gen.pdbx_gene_src_atcc 
_entity_src_gen.pdbx_gene_src_organ 
_entity_src_gen.pdbx_gene_src_organelle 
_entity_src_gen.pdbx_gene_src_cell 
_entity_src_gen.pdbx_gene_src_cellular_location 
_entity_src_gen.host_org_common_name 
_entity_src_gen.pdbx_host_org_scientific_name 
_entity_src_gen.pdbx_host_org_ncbi_taxonomy_id 
_entity_src_gen.host_org_genus 
_entity_src_gen.pdbx_host_org_gene 
_entity_src_gen.pdbx_host_org_organ 
_entity_src_gen.host_org_species 
_entity_src_gen.pdbx_host_org_tissue 
_entity_src_gen.pdbx_host_org_tissue_fraction 
_entity_src_gen.pdbx_host_org_strain 
_entity_src_gen.pdbx_host_org_variant 
_entity_src_gen.pdbx_host_org_cell_line 
_entity_src_gen.pdbx_host_org_atcc 
_entity_src_gen.pdbx_host_org_culture_collection 
_entity_src_gen.pdbx_host_org_cell 
_entity_src_gen.pdbx_host_org_organelle 
_entity_src_gen.pdbx_host_org_cellular_location 
_entity_src_gen.pdbx_host_org_vector_type 
_entity_src_gen.pdbx_host_org_vector 
_entity_src_gen.host_org_details 
_entity_src_gen.expression_system_id 
_entity_src_gen.plasmid_name 
_entity_src_gen.plasmid_details 
_entity_src_gen.pdbx_description 
1 1 sample ? 1  37 ? Coronavirus S ? SARS ? ? ? ? 'SARS coronavirus' 227859 ? ? ? ? ? ? ? ? 'Escherichia coli' 562 Escherichia ? ? 
? ? ? BL21/pLysis ? ? ? ? ? ? ? PLASMID ? ? ? pN37/C34 ? ? 
1 2 sample ? 44 77 ? Coronavirus S ? SARS ? ? ? ? 'SARS coronavirus' 227859 ? ? ? ? ? ? ? ? 'Escherichia coli' 562 Escherichia ? ? 
? ? ? BL21/pLysis ? ? ? ? ? ? ? PLASMID ? ? ? pN37/C34 ? ? 
# 
loop_
_struct_ref.id 
_struct_ref.db_name 
_struct_ref.db_code 
_struct_ref.pdbx_db_accession 
_struct_ref.entity_id 
_struct_ref.pdbx_seq_one_letter_code 
_struct_ref.pdbx_align_begin 
_struct_ref.pdbx_db_isoform 
1 UNP VGL2_CVHSA P59594 1 ALGKLQDVVNQNAQALNTLVKQLSSNFGAISSVLNDI 926  ? 
2 UNP VGL2_CVHSA P59594 1 GDISGINASVVNIQKEIDRLNEVAKNLNESLIDLQ   1150 ? 
# 
loop_
_struct_ref_seq.align_id 
_struct_ref_seq.ref_id 
_struct_ref_seq.pdbx_PDB_id_code 
_struct_ref_seq.pdbx_strand_id 
_struct_ref_seq.seq_align_beg 
_struct_ref_seq.pdbx_seq_align_beg_ins_code 
_struct_ref_seq.seq_align_end 
_struct_ref_seq.pdbx_seq_align_end_ins_code 
_struct_ref_seq.pdbx_db_accession 
_struct_ref_seq.db_align_beg 
_struct_ref_seq.pdbx_db_align_beg_ins_code 
_struct_ref_seq.db_align_end 
_struct_ref_seq.pdbx_db_align_end_ins_code 
_struct_ref_seq.pdbx_auth_seq_align_beg 
_struct_ref_seq.pdbx_auth_seq_align_end 
1 1 1ZVA A 1  ? 37 ? P59594 926  ? 962  ? 1  37 
2 2 1ZVA A 44 ? 77 ? P59594 1150 ? 1183 ? 44 77 
# 
loop_
_struct_ref_seq_dif.align_id 
_struct_ref_seq_dif.pdbx_pdb_id_code 
_struct_ref_seq_dif.mon_id 
_struct_ref_seq_dif.pdbx_pdb_strand_id 
_struct_ref_seq_dif.seq_num 
_struct_ref_seq_dif.pdbx_pdb_ins_code 
_struct_ref_seq_dif.pdbx_seq_db_name 
_struct_ref_seq_dif.pdbx_seq_db_accession_code 
_struct_ref_seq_dif.db_mon_id 
_struct_ref_seq_dif.pdbx_seq_db_seq_num 
_struct_ref_seq_dif.details 
_struct_ref_seq_dif.pdbx_auth_seq_num 
_struct_ref_seq_dif.pdbx_ordinal 
1 1ZVA SER A 38 ? UNP P59594 ? ? 'SEE REMARK 999' 38 1 
1 1ZVA GLY A 39 ? UNP P59594 ? ? 'SEE REMARK 999' 39 2 
1 1ZVA GLY A 40 ? UNP P59594 ? ? 'SEE REMARK 999' 40 3 
1 1ZVA ARG A 41 ? UNP P59594 ? ? 'SEE REMARK 999' 41 4 
1 1ZVA GLY A 42 ? UNP P59594 ? ? 'SEE REMARK 999' 42 5 
1 1ZVA GLY A 43 ? UNP P59594 ? ? 'SEE REMARK 999' 43 6 
# 
loop_
_chem_comp.id 
_chem_comp.type 
_chem_comp.mon_nstd_flag 
_chem_comp.name 
_chem_comp.pdbx_synonyms 
_chem_comp.formula 
_chem_comp.formula_weight 
ALA 'L-peptide linking' y ALANINE         ? 'C3 H7 N O2'     89.093  
ARG 'L-peptide linking' y ARGININE        ? 'C6 H15 N4 O2 1' 175.209 
ASN 'L-peptide linking' y ASPARAGINE      ? 'C4 H8 N2 O3'    132.118 
ASP 'L-peptide linking' y 'ASPARTIC ACID' ? 'C4 H7 N O4'     133.103 
GLN 'L-peptide linking' y GLUTAMINE       ? 'C5 H10 N2 O3'   146.144 
GLU 'L-peptide linking' y 'GLUTAMIC ACID' ? 'C5 H9 N O4'     147.129 
GLY 'peptide linking'   y GLYCINE         ? 'C2 H5 N O2'     75.067  
HOH non-polymer         . WATER           ? 'H2 O'           18.015  
ILE 'L-peptide linking' y ISOLEUCINE      ? 'C6 H13 N O2'    131.173 
LEU 'L-peptide linking' y LEUCINE         ? 'C6 H13 N O2'    131.173 
LYS 'L-peptide linking' y LYSINE          ? 'C6 H15 N2 O2 1' 147.195 
PHE 'L-peptide linking' y PHENYLALANINE   ? 'C9 H11 N O2'    165.189 
SER 'L-peptide linking' y SERINE          ? 'C3 H7 N O3'     105.093 
THR 'L-peptide linking' y THREONINE       ? 'C4 H9 N O3'     119.119 
VAL 'L-peptide linking' y VALINE          ? 'C5 H11 N O2'    117.146 
# 
_exptl.entry_id          1ZVA 
_exptl.method            'X-RAY DIFFRACTION' 
_exptl.crystals_number   1 
# 
_exptl_crystal.id                    1 
_exptl_crystal.density_meas          ? 
_exptl_crystal.density_Matthews      2.10 
_exptl_crystal.density_percent_sol   41.60 
_exptl_crystal.description           ? 
_exptl_crystal.F_000                 ? 
_exptl_crystal.preparation           ? 
# 
_exptl_crystal_grow.crystal_id      1 
_exptl_crystal_grow.method          'VAPOR DIFFUSION, HANGING DROP' 
_exptl_crystal_grow.temp            298 
_exptl_crystal_grow.temp_details    ? 
_exptl_crystal_grow.pH              8.00 
_exptl_crystal_grow.pdbx_details    'PEG 1500, sodium formate, pH 8.00, VAPOR DIFFUSION, HANGING DROP, temperature 298K' 
_exptl_crystal_grow.pdbx_pH_range   . 
# 
_diffrn.id                     1 
_diffrn.ambient_temp           100.0 
_diffrn.ambient_temp_details   ? 
_diffrn.crystal_id             1 
# 
_diffrn_detector.diffrn_id              1 
_diffrn_detector.detector               CCD 
_diffrn_detector.type                   'ADSC QUANTUM 4' 
_diffrn_detector.pdbx_collection_date   2003-09-03 
_diffrn_detector.details                ? 
# 
_diffrn_radiation.diffrn_id                        1 
_diffrn_radiation.wavelength_id                    1 
_diffrn_radiation.pdbx_monochromatic_or_laue_m_l   M 
_diffrn_radiation.monochromator                    GRAPHITE 
_diffrn_radiation.pdbx_diffrn_protocol             'SINGLE WAVELENGTH' 
_diffrn_radiation.pdbx_scattering_type             x-ray 
# 
_diffrn_radiation_wavelength.id           1 
_diffrn_radiation_wavelength.wavelength   1.0358 
_diffrn_radiation_wavelength.wt           1.0 
# 
_diffrn_source.diffrn_id                   1 
_diffrn_source.source                      SYNCHROTRON 
_diffrn_source.type                        'NSLS BEAMLINE X4A' 
_diffrn_source.pdbx_synchrotron_site       NSLS 
_diffrn_source.pdbx_synchrotron_beamline   X4A 
_diffrn_source.pdbx_wavelength             1.0358 
_diffrn_source.pdbx_wavelength_list        ? 
# 
_reflns.entry_id                     1ZVA 
_reflns.observed_criterion_sigma_I   0.000 
_reflns.observed_criterion_sigma_F   ? 
_reflns.d_resolution_low             72.600 
_reflns.d_resolution_high            1.500 
_reflns.number_obs                   11906 
_reflns.number_all                   ? 
_reflns.percent_possible_obs         98.0 
_reflns.pdbx_Rmerge_I_obs            0.058 
_reflns.pdbx_Rsym_value              ? 
_reflns.pdbx_netI_over_sigmaI        15.6000 
_reflns.B_iso_Wilson_estimate        16.40 
_reflns.pdbx_redundancy              5.800 
_reflns.R_free_details               ? 
_reflns.limit_h_max                  ? 
_reflns.limit_h_min                  ? 
_reflns.limit_k_max                  ? 
_reflns.limit_k_min                  ? 
_reflns.limit_l_max                  ? 
_reflns.limit_l_min                  ? 
_reflns.observed_criterion_F_max     ? 
_reflns.observed_criterion_F_min     ? 
_reflns.pdbx_chi_squared             ? 
_reflns.pdbx_scaling_rejects         ? 
_reflns.pdbx_ordinal                 1 
_reflns.pdbx_diffrn_id               1 
# 
_reflns_shell.d_res_high             1.50 
_reflns_shell.d_res_low              1.55 
_reflns_shell.percent_possible_all   99.2 
_reflns_shell.Rmerge_I_obs           0.255 
_reflns_shell.pdbx_Rsym_value        ? 
_reflns_shell.meanI_over_sigI_obs    7.100 
_reflns_shell.pdbx_redundancy        5.60 
_reflns_shell.percent_possible_obs   ? 
_reflns_shell.number_unique_all      ? 
_reflns_shell.number_measured_all    ? 
_reflns_shell.number_measured_obs    ? 
_reflns_shell.number_unique_obs      ? 
_reflns_shell.pdbx_chi_squared       ? 
_reflns_shell.pdbx_ordinal           1 
_reflns_shell.pdbx_diffrn_id         1 
# 
_refine.entry_id                                 1ZVA 
_refine.ls_number_reflns_obs                     11904 
_refine.ls_number_reflns_all                     11904 
_refine.pdbx_ls_sigma_I                          ? 
_refine.pdbx_ls_sigma_F                          0.000 
_refine.pdbx_data_cutoff_high_absF               ? 
_refine.pdbx_data_cutoff_low_absF                ? 
_refine.pdbx_data_cutoff_high_rms_absF           ? 
_refine.ls_d_res_low                             72.55 
_refine.ls_d_res_high                            1.50 
_refine.ls_percent_reflns_obs                    98.0 
_refine.ls_R_factor_obs                          0.213 
_refine.ls_R_factor_all                          ? 
_refine.ls_R_factor_R_work                       0.211 
_refine.ls_R_factor_R_free                       0.246 
_refine.ls_R_factor_R_free_error                 ? 
_refine.ls_R_factor_R_free_error_details         ? 
_refine.ls_percent_reflns_R_free                 4.700 
_refine.ls_number_reflns_R_free                  563 
_refine.ls_number_parameters                     ? 
_refine.ls_number_restraints                     ? 
_refine.occupancy_min                            ? 
_refine.occupancy_max                            ? 
_refine.correlation_coeff_Fo_to_Fc               0.947 
_refine.correlation_coeff_Fo_to_Fc_free          0.921 
_refine.B_iso_mean                               11.94 
_refine.aniso_B[1][1]                            0.43000 
_refine.aniso_B[2][2]                            0.28000 
_refine.aniso_B[3][3]                            -0.71000 
_refine.aniso_B[1][2]                            0.00000 
_refine.aniso_B[1][3]                            0.00000 
_refine.aniso_B[2][3]                            0.00000 
_refine.solvent_model_details                    'BABINET MODEL WITH MASK' 
_refine.solvent_model_param_ksol                 ? 
_refine.solvent_model_param_bsol                 ? 
_refine.pdbx_solvent_vdw_probe_radii             1.40 
_refine.pdbx_solvent_ion_probe_radii             0.80 
_refine.pdbx_solvent_shrinkage_radii             0.80 
_refine.pdbx_ls_cross_valid_method               THROUGHOUT 
_refine.details                                  ? 
_refine.pdbx_starting_model                      1ZV7 
_refine.pdbx_method_to_determine_struct          'MOLECULAR REPLACEMENT' 
_refine.pdbx_isotropic_thermal_model             Isotropic 
_refine.pdbx_stereochemistry_target_values       'MAXIMUM LIKELIHOOD' 
_refine.pdbx_stereochem_target_val_spec_case     ? 
_refine.pdbx_R_Free_selection_details            RANDOM 
_refine.pdbx_overall_ESU_R                       0.086 
_refine.pdbx_overall_ESU_R_Free                  0.089 
_refine.overall_SU_ML                            0.050 
_refine.overall_SU_B                             1.293 
_refine.ls_redundancy_reflns_obs                 ? 
_refine.B_iso_min                                ? 
_refine.B_iso_max                                ? 
_refine.overall_SU_R_Cruickshank_DPI             ? 
_refine.overall_SU_R_free                        ? 
_refine.ls_wR_factor_R_free                      ? 
_refine.ls_wR_factor_R_work                      ? 
_refine.overall_FOM_free_R_set                   ? 
_refine.overall_FOM_work_R_set                   ? 
_refine.pdbx_overall_phase_error                 ? 
_refine.pdbx_refine_id                           'X-RAY DIFFRACTION' 
_refine.pdbx_TLS_residual_ADP_flag               'LIKELY RESIDUAL' 
_refine.pdbx_diffrn_id                           1 
_refine.pdbx_overall_SU_R_free_Cruickshank_DPI   ? 
_refine.pdbx_overall_SU_R_Blow_DPI               ? 
_refine.pdbx_overall_SU_R_free_Blow_DPI          ? 
# 
_refine_hist.pdbx_refine_id                   'X-RAY DIFFRACTION' 
_refine_hist.cycle_id                         LAST 
_refine_hist.pdbx_number_atoms_protein        551 
_refine_hist.pdbx_number_atoms_nucleic_acid   0 
_refine_hist.pdbx_number_atoms_ligand         0 
_refine_hist.number_atoms_solvent             76 
_refine_hist.number_atoms_total               627 
_refine_hist.d_res_high                       1.50 
_refine_hist.d_res_low                        72.55 
# 
loop_
_refine_ls_restr.type 
_refine_ls_restr.dev_ideal 
_refine_ls_restr.dev_ideal_target 
_refine_ls_restr.weight 
_refine_ls_restr.number 
_refine_ls_restr.pdbx_refine_id 
_refine_ls_restr.pdbx_restraint_function 
r_bond_refined_d             0.013 0.021 ? 551 'X-RAY DIFFRACTION' ? 
r_bond_other_d               ?     ?     ? ?   'X-RAY DIFFRACTION' ? 
r_angle_refined_deg          1.357 1.962 ? 743 'X-RAY DIFFRACTION' ? 
r_angle_other_deg            ?     ?     ? ?   'X-RAY DIFFRACTION' ? 
r_dihedral_angle_1_deg       3.454 5.000 ? 74  'X-RAY DIFFRACTION' ? 
r_dihedral_angle_2_deg       ?     ?     ? ?   'X-RAY DIFFRACTION' ? 
r_dihedral_angle_3_deg       ?     ?     ? ?   'X-RAY DIFFRACTION' ? 
r_dihedral_angle_4_deg       ?     ?     ? ?   'X-RAY DIFFRACTION' ? 
r_chiral_restr               0.100 0.200 ? 92  'X-RAY DIFFRACTION' ? 
r_gen_planes_refined         0.006 0.020 ? 405 'X-RAY DIFFRACTION' ? 
r_gen_planes_other           ?     ?     ? ?   'X-RAY DIFFRACTION' ? 
r_nbd_refined                0.220 0.200 ? 243 'X-RAY DIFFRACTION' ? 
r_nbd_other                  ?     ?     ? ?   'X-RAY DIFFRACTION' ? 
r_nbtor_refined              ?     ?     ? ?   'X-RAY DIFFRACTION' ? 
r_nbtor_other                ?     ?     ? ?   'X-RAY DIFFRACTION' ? 
r_xyhbond_nbd_refined        0.142 0.200 ? 38  'X-RAY DIFFRACTION' ? 
r_xyhbond_nbd_other          ?     ?     ? ?   'X-RAY DIFFRACTION' ? 
r_metal_ion_refined          ?     ?     ? ?   'X-RAY DIFFRACTION' ? 
r_metal_ion_other            ?     ?     ? ?   'X-RAY DIFFRACTION' ? 
r_symmetry_vdw_refined       0.202 0.200 ? 53  'X-RAY DIFFRACTION' ? 
r_symmetry_vdw_other         ?     ?     ? ?   'X-RAY DIFFRACTION' ? 
r_symmetry_hbond_refined     0.271 0.200 ? 19  'X-RAY DIFFRACTION' ? 
r_symmetry_hbond_other       ?     ?     ? ?   'X-RAY DIFFRACTION' ? 
r_symmetry_metal_ion_refined ?     ?     ? ?   'X-RAY DIFFRACTION' ? 
r_symmetry_metal_ion_other   ?     ?     ? ?   'X-RAY DIFFRACTION' ? 
r_mcbond_it                  0.919 1.500 ? 367 'X-RAY DIFFRACTION' ? 
r_mcbond_other               ?     ?     ? ?   'X-RAY DIFFRACTION' ? 
r_mcangle_it                 1.838 2.000 ? 585 'X-RAY DIFFRACTION' ? 
r_scbond_it                  3.037 3.000 ? 184 'X-RAY DIFFRACTION' ? 
r_scangle_it                 4.821 4.500 ? 158 'X-RAY DIFFRACTION' ? 
r_rigid_bond_restr           ?     ?     ? ?   'X-RAY DIFFRACTION' ? 
r_sphericity_free            ?     ?     ? ?   'X-RAY DIFFRACTION' ? 
r_sphericity_bonded          ?     ?     ? ?   'X-RAY DIFFRACTION' ? 
# 
_refine_ls_shell.pdbx_total_number_of_bins_used   20 
_refine_ls_shell.d_res_high                       1.50 
_refine_ls_shell.d_res_low                        1.54 
_refine_ls_shell.number_reflns_R_work             803 
_refine_ls_shell.R_factor_R_work                  0.241 
_refine_ls_shell.percent_reflns_obs               ? 
_refine_ls_shell.R_factor_R_free                  0.221 
_refine_ls_shell.R_factor_R_free_error            ? 
_refine_ls_shell.percent_reflns_R_free            ? 
_refine_ls_shell.number_reflns_R_free             41 
_refine_ls_shell.number_reflns_all                ? 
_refine_ls_shell.R_factor_all                     ? 
_refine_ls_shell.redundancy_reflns_obs            ? 
_refine_ls_shell.number_reflns_obs                ? 
_refine_ls_shell.pdbx_refine_id                   'X-RAY DIFFRACTION' 
# 
_struct.entry_id                  1ZVA 
_struct.title                     'A structure-based mechanism of SARS virus membrane fusion' 
_struct.pdbx_model_details        ? 
_struct.pdbx_CASP_flag            ? 
_struct.pdbx_model_type_details   ? 
# 
_struct_keywords.entry_id        1ZVA 
_struct_keywords.pdbx_keywords   'VIRAL PROTEIN' 
_struct_keywords.text            
'SARS coronavirus, membrane fusion, S2, virus entry, coiled coils, conformational change, VIRAL PROTEIN' 
# 
loop_
_struct_asym.id 
_struct_asym.pdbx_blank_PDB_chainid_flag 
_struct_asym.pdbx_modified 
_struct_asym.entity_id 
_struct_asym.details 
A N N 1 ? 
B N N 2 ? 
# 
_struct_biol.id                    1 
_struct_biol.details               'The biological assembly is a dimer of hairpins, i.e. four-helix bundle' 
_struct_biol.pdbx_parent_biol_id   ? 
# 
loop_
_struct_conf.conf_type_id 
_struct_conf.id 
_struct_conf.pdbx_PDB_helix_id 
_struct_conf.beg_label_comp_id 
_struct_conf.beg_label_asym_id 
_struct_conf.beg_label_seq_id 
_struct_conf.pdbx_beg_PDB_ins_code 
_struct_conf.end_label_comp_id 
_struct_conf.end_label_asym_id 
_struct_conf.end_label_seq_id 
_struct_conf.pdbx_end_PDB_ins_code 
_struct_conf.beg_auth_comp_id 
_struct_conf.beg_auth_asym_id 
_struct_conf.beg_auth_seq_id 
_struct_conf.end_auth_comp_id 
_struct_conf.end_auth_asym_id 
_struct_conf.end_auth_seq_id 
_struct_conf.pdbx_PDB_helix_class 
_struct_conf.details 
_struct_conf.pdbx_PDB_helix_length 
HELX_P HELX_P1 1 ALA A 1  ? GLY A 39 ? ALA A 1  GLY A 39 1 ? 39 
HELX_P HELX_P2 2 GLY A 47 ? ASP A 75 ? GLY A 47 ASP A 75 1 ? 29 
# 
_struct_conf_type.id          HELX_P 
_struct_conf_type.criteria    ? 
_struct_conf_type.reference   ? 
# 
_atom_sites.entry_id                    1ZVA 
_atom_sites.fract_transf_matrix[1][1]   0.01397878 
_atom_sites.fract_transf_matrix[1][2]   -0.01742768 
_atom_sites.fract_transf_matrix[1][3]   0.00982956 
_atom_sites.fract_transf_matrix[2][1]   -0.00218436 
_atom_sites.fract_transf_matrix[2][2]   0.00175596 
_atom_sites.fract_transf_matrix[2][3]   0.00621971 
_atom_sites.fract_transf_matrix[3][1]   -0.03142606 
_atom_sites.fract_transf_matrix[3][2]   -0.02711436 
_atom_sites.fract_transf_matrix[3][3]   -0.00338187 
_atom_sites.fract_transf_vector[1]      0.421320 
_atom_sites.fract_transf_vector[2]      0.317300 
_atom_sites.fract_transf_vector[3]      0.322513 
# 
loop_
_atom_type.symbol 
C 
N 
O 
# 
loop_
_atom_site.group_PDB 
_atom_site.id 
_atom_site.type_symbol 
_atom_site.label_atom_id 
_atom_site.label_alt_id 
_atom_site.label_comp_id 
_atom_site.label_asym_id 
_atom_site.label_entity_id 
_atom_site.label_seq_id 
_atom_site.pdbx_PDB_ins_code 
_atom_site.Cartn_x 
_atom_site.Cartn_y 
_atom_site.Cartn_z 
_atom_site.occupancy 
_atom_site.B_iso_or_equiv 
_atom_site.pdbx_formal_charge 
_atom_site.auth_seq_id 
_atom_site.auth_comp_id 
_atom_site.auth_asym_id 
_atom_site.auth_atom_id 
_atom_site.pdbx_PDB_model_num 
ATOM   1   N N   . ALA A 1 1  ? -6.167  12.205  26.408  1.00 13.24 ? 1   ALA A N   1 
ATOM   2   C CA  . ALA A 1 1  ? -5.234  11.096  26.076  1.00 13.70 ? 1   ALA A CA  1 
ATOM   3   C C   . ALA A 1 1  ? -5.933  9.849   25.524  1.00 13.27 ? 1   ALA A C   1 
ATOM   4   O O   . ALA A 1 1  ? -5.788  9.568   24.357  1.00 13.75 ? 1   ALA A O   1 
ATOM   5   C CB  . ALA A 1 1  ? -4.375  10.743  27.258  1.00 13.74 ? 1   ALA A CB  1 
ATOM   6   N N   . LEU A 1 2  ? -6.685  9.108   26.359  1.00 12.74 ? 2   LEU A N   1 
ATOM   7   C CA  . LEU A 1 2  ? -7.285  7.852   25.879  1.00 12.63 ? 2   LEU A CA  1 
ATOM   8   C C   . LEU A 1 2  ? -8.239  8.078   24.705  1.00 13.13 ? 2   LEU A C   1 
ATOM   9   O O   . LEU A 1 2  ? -8.247  7.254   23.743  1.00 12.78 ? 2   LEU A O   1 
ATOM   10  C CB  . LEU A 1 2  ? -7.979  7.025   26.988  1.00 13.02 ? 2   LEU A CB  1 
ATOM   11  C CG  . LEU A 1 2  ? -8.615  5.731   26.404  1.00 12.66 ? 2   LEU A CG  1 
ATOM   12  C CD1 . LEU A 1 2  ? -7.581  4.765   25.826  1.00 12.16 ? 2   LEU A CD1 1 
ATOM   13  C CD2 . LEU A 1 2  ? -9.543  5.031   27.388  1.00 13.24 ? 2   LEU A CD2 1 
ATOM   14  N N   . GLY A 1 3  ? -9.076  9.137   24.827  1.00 12.38 ? 3   GLY A N   1 
ATOM   15  C CA  . GLY A 1 3  ? -10.096 9.415   23.823  1.00 11.75 ? 3   GLY A CA  1 
ATOM   16  C C   . GLY A 1 3  ? -9.531  9.732   22.429  1.00 11.14 ? 3   GLY A C   1 
ATOM   17  O O   . GLY A 1 3  ? -9.941  9.146   21.444  1.00 11.28 ? 3   GLY A O   1 
ATOM   18  N N   . LYS A 1 4  ? -8.578  10.668  22.379  1.00 11.26 ? 4   LYS A N   1 
ATOM   19  C CA  . LYS A 1 4  ? -7.988  11.139  21.124  1.00 10.13 ? 4   LYS A CA  1 
ATOM   20  C C   . LYS A 1 4  ? -7.241  10.013  20.348  1.00 9.12  ? 4   LYS A C   1 
ATOM   21  O O   . LYS A 1 4  ? -7.316  9.896   19.112  1.00 9.58  ? 4   LYS A O   1 
ATOM   22  C CB  . LYS A 1 4  ? -7.045  12.322  21.420  1.00 10.93 ? 4   LYS A CB  1 
ATOM   23  C CG  . LYS A 1 4  ? -7.710  13.573  21.976  1.00 13.77 ? 4   LYS A CG  1 
ATOM   24  C CD  . LYS A 1 4  ? -8.117  14.542  20.867  1.00 15.78 ? 4   LYS A CD  1 
ATOM   25  C CE  . LYS A 1 4  ? -9.336  15.354  21.292  1.00 16.94 ? 4   LYS A CE  1 
ATOM   26  N NZ  . LYS A 1 4  ? -10.598 14.595  21.030  1.00 17.70 ? 4   LYS A NZ  1 
ATOM   27  N N   . LEU A 1 5  ? -6.554  9.172   21.111  1.00 7.52  ? 5   LEU A N   1 
ATOM   28  C CA  . LEU A 1 5  ? -5.681  8.140   20.572  1.00 5.59  ? 5   LEU A CA  1 
ATOM   29  C C   . LEU A 1 5  ? -6.390  6.967   19.891  1.00 5.25  ? 5   LEU A C   1 
ATOM   30  O O   . LEU A 1 5  ? -5.989  6.519   18.801  1.00 3.47  ? 5   LEU A O   1 
ATOM   31  C CB  . LEU A 1 5  ? -4.715  7.648   21.661  1.00 4.06  ? 5   LEU A CB  1 
ATOM   32  C CG  . LEU A 1 5  ? -3.654  6.623   21.286  1.00 4.90  ? 5   LEU A CG  1 
ATOM   33  C CD1 . LEU A 1 5  ? -2.707  7.229   20.283  1.00 3.97  ? 5   LEU A CD1 1 
ATOM   34  C CD2 . LEU A 1 5  ? -2.922  6.150   22.507  1.00 5.67  ? 5   LEU A CD2 1 
ATOM   35  N N   . GLN A 1 6  ? -7.431  6.448   20.501  1.00 6.03  ? 6   GLN A N   1 
ATOM   36  C CA  . GLN A 1 6  ? -8.089  5.275   19.968  1.00 6.54  ? 6   GLN A CA  1 
ATOM   37  C C   . GLN A 1 6  ? -8.735  5.541   18.648  1.00 6.59  ? 6   GLN A C   1 
ATOM   38  O O   . GLN A 1 6  ? -8.743  4.668   17.783  1.00 5.98  ? 6   GLN A O   1 
ATOM   39  C CB  . GLN A 1 6  ? -9.165  4.836   20.912  1.00 5.99  ? 6   GLN A CB  1 
ATOM   40  C CG  . GLN A 1 6  ? -8.658  4.153   22.092  1.00 9.91  ? 6   GLN A CG  1 
ATOM   41  C CD  . GLN A 1 6  ? -9.829  3.841   22.954  1.00 9.64  ? 6   GLN A CD  1 
ATOM   42  O OE1 . GLN A 1 6  ? -10.848 4.546   22.876  1.00 16.63 ? 6   GLN A OE1 1 
ATOM   43  N NE2 . GLN A 1 6  ? -9.727  2.801   23.771  1.00 20.46 ? 6   GLN A NE2 1 
ATOM   44  N N   . ASP A 1 7  ? -9.295  6.743   18.499  1.00 7.56  ? 7   ASP A N   1 
ATOM   45  C CA  . ASP A 1 7  ? -9.866  7.138   17.224  1.00 8.41  ? 7   ASP A CA  1 
ATOM   46  C C   . ASP A 1 7  ? -8.811  7.120   16.137  1.00 8.23  ? 7   ASP A C   1 
ATOM   47  O O   . ASP A 1 7  ? -9.060  6.607   15.044  1.00 7.70  ? 7   ASP A O   1 
ATOM   48  C CB  . ASP A 1 7  ? -10.482 8.524   17.301  1.00 9.51  ? 7   ASP A CB  1 
ATOM   49  C CG  . ASP A 1 7  ? -11.147 8.922   16.002  1.00 12.92 ? 7   ASP A CG  1 
ATOM   50  O OD1 . ASP A 1 7  ? -12.111 8.236   15.574  1.00 18.76 ? 7   ASP A OD1 1 
ATOM   51  O OD2 . ASP A 1 7  ? -10.749 9.889   15.323  1.00 17.73 ? 7   ASP A OD2 1 
ATOM   52  N N   . VAL A 1 8  ? -7.638  7.678   16.447  1.00 8.29  ? 8   VAL A N   1 
ATOM   53  C CA  . VAL A 1 8  ? -6.512  7.655   15.497  1.00 7.51  ? 8   VAL A CA  1 
ATOM   54  C C   . VAL A 1 8  ? -6.165  6.219   15.112  1.00 7.94  ? 8   VAL A C   1 
ATOM   55  O O   . VAL A 1 8  ? -6.011  5.918   13.939  1.00 6.41  ? 8   VAL A O   1 
ATOM   56  C CB  . VAL A 1 8  ? -5.243  8.373   16.048  1.00 7.79  ? 8   VAL A CB  1 
ATOM   57  C CG1 . VAL A 1 8  ? -4.061  8.195   15.078  1.00 7.77  ? 8   VAL A CG1 1 
ATOM   58  C CG2 . VAL A 1 8  ? -5.500  9.847   16.249  1.00 9.21  ? 8   VAL A CG2 1 
ATOM   59  N N   . VAL A 1 9  ? -6.065  5.342   16.103  1.00 7.37  ? 9   VAL A N   1 
ATOM   60  C CA  . VAL A 1 9  ? -5.749  3.928   15.881  1.00 7.20  ? 9   VAL A CA  1 
ATOM   61  C C   . VAL A 1 9  ? -6.792  3.195   15.039  1.00 7.02  ? 9   VAL A C   1 
ATOM   62  O O   . VAL A 1 9  ? -6.436  2.485   14.086  1.00 6.78  ? 9   VAL A O   1 
ATOM   63  C CB  . VAL A 1 9  ? -5.499  3.217   17.210  1.00 7.36  ? 9   VAL A CB  1 
ATOM   64  C CG1 . VAL A 1 9  ? -5.239  1.718   17.016  1.00 8.18  ? 9   VAL A CG1 1 
ATOM   65  C CG2 . VAL A 1 9  ? -4.347  3.889   17.930  1.00 7.92  ? 9   VAL A CG2 1 
ATOM   66  N N   . ASN A 1 10 ? -8.071  3.365   15.370  1.00 6.83  ? 10  ASN A N   1 
ATOM   67  C CA  . ASN A 1 10 ? -9.127  2.774   14.565  1.00 6.95  ? 10  ASN A CA  1 
ATOM   68  C C   . ASN A 1 10 ? -9.121  3.216   13.107  1.00 7.14  ? 10  ASN A C   1 
ATOM   69  O O   . ASN A 1 10 ? -9.131  2.377   12.198  1.00 6.18  ? 10  ASN A O   1 
ATOM   70  C CB  . ASN A 1 10 ? -10.476 3.076   15.208  1.00 6.46  ? 10  ASN A CB  1 
ATOM   71  C CG  . ASN A 1 10 ? -11.607 2.222   14.653  1.00 8.39  ? 10  ASN A CG  1 
ATOM   72  O OD1 . ASN A 1 10 ? -11.404 1.077   14.217  1.00 8.51  ? 10  ASN A OD1 1 
ATOM   73  N ND2 . ASN A 1 10 ? -12.816 2.771   14.675  1.00 11.79 ? 10  ASN A ND2 1 
ATOM   74  N N   . GLN A 1 11 ? -9.068  4.523   12.881  1.00 7.64  ? 11  GLN A N   1 
ATOM   75  C CA  . GLN A 1 11 ? -9.133  5.047   11.516  1.00 8.29  ? 11  GLN A CA  1 
ATOM   76  C C   . GLN A 1 11 ? -7.921  4.636   10.712  1.00 8.22  ? 11  GLN A C   1 
ATOM   77  O O   . GLN A 1 11 ? -8.040  4.277   9.543   1.00 8.29  ? 11  GLN A O   1 
ATOM   78  C CB  . GLN A 1 11 ? -9.286  6.560   11.531  1.00 8.55  ? 11  GLN A CB  1 
ATOM   79  C CG  . GLN A 1 11 ? -10.629 6.964   12.107  1.00 10.94 ? 11  GLN A CG  1 
ATOM   80  C CD  . GLN A 1 11 ? -11.218 8.220   11.502  1.00 16.79 ? 11  GLN A CD  1 
ATOM   81  O OE1 . GLN A 1 11 ? -11.181 9.290   12.126  1.00 20.31 ? 11  GLN A OE1 1 
ATOM   82  N NE2 . GLN A 1 11 ? -11.797 8.093   10.314  1.00 18.74 ? 11  GLN A NE2 1 
ATOM   83  N N   . ASN A 1 12 ? -6.753  4.676   11.341  1.00 8.10  ? 12  ASN A N   1 
ATOM   84  C CA  . ASN A 1 12 ? -5.538  4.275   10.640  1.00 7.32  ? 12  ASN A CA  1 
ATOM   85  C C   . ASN A 1 12 ? -5.376  2.782   10.457  1.00 7.76  ? 12  ASN A C   1 
ATOM   86  O O   . ASN A 1 12 ? -4.872  2.364   9.443   1.00 8.08  ? 12  ASN A O   1 
ATOM   87  C CB  . ASN A 1 12 ? -4.298  4.926   11.251  1.00 8.03  ? 12  ASN A CB  1 
ATOM   88  C CG  . ASN A 1 12 ? -4.214  6.390   10.910  1.00 7.97  ? 12  ASN A CG  1 
ATOM   89  O OD1 . ASN A 1 12 ? -3.839  6.748   9.791   1.00 8.89  ? 12  ASN A OD1 1 
ATOM   90  N ND2 . ASN A 1 12 ? -4.624  7.250   11.829  1.00 10.83 ? 12  ASN A ND2 1 
ATOM   91  N N   . ALA A 1 13 ? -5.846  1.976   11.406  1.00 6.80  ? 13  ALA A N   1 
ATOM   92  C CA  . ALA A 1 13 ? -5.851  0.529   11.222  1.00 6.46  ? 13  ALA A CA  1 
ATOM   93  C C   . ALA A 1 13 ? -6.734  0.139   10.038  1.00 5.43  ? 13  ALA A C   1 
ATOM   94  O O   . ALA A 1 13 ? -6.384  -0.747  9.256   1.00 6.69  ? 13  ALA A O   1 
ATOM   95  C CB  . ALA A 1 13 ? -6.308  -0.181  12.489  1.00 6.91  ? 13  ALA A CB  1 
ATOM   96  N N   . GLN A 1 14 ? -7.888  0.794   9.932   1.00 6.52  ? 14  GLN A N   1 
ATOM   97  C CA  . GLN A 1 14 ? -8.786  0.580   8.804   1.00 6.93  ? 14  GLN A CA  1 
ATOM   98  C C   . GLN A 1 14 ? -8.143  1.016   7.492   1.00 5.83  ? 14  GLN A C   1 
ATOM   99  O O   . GLN A 1 14 ? -8.212  0.308   6.503   1.00 6.11  ? 14  GLN A O   1 
ATOM   100 C CB  . GLN A 1 14 ? -10.089 1.344   9.001   1.00 7.43  ? 14  GLN A CB  1 
ATOM   101 C CG  . GLN A 1 14 ? -11.043 0.705   9.984   1.00 11.34 ? 14  GLN A CG  1 
ATOM   102 C CD  . GLN A 1 14 ? -12.291 1.554   10.173  1.00 16.06 ? 14  GLN A CD  1 
ATOM   103 O OE1 . GLN A 1 14 ? -12.866 2.055   9.194   1.00 19.04 ? 14  GLN A OE1 1 
ATOM   104 N NE2 . GLN A 1 14 ? -12.708 1.721   11.411  1.00 19.23 ? 14  GLN A NE2 1 
ATOM   105 N N   . ALA A 1 15 ? -7.517  2.188   7.482   1.00 5.21  ? 15  ALA A N   1 
ATOM   106 C CA  . ALA A 1 15 ? -6.839  2.659   6.271   1.00 5.04  ? 15  ALA A CA  1 
ATOM   107 C C   . ALA A 1 15 ? -5.712  1.710   5.899   1.00 4.74  ? 15  ALA A C   1 
ATOM   108 O O   . ALA A 1 15 ? -5.525  1.373   4.730   1.00 5.25  ? 15  ALA A O   1 
ATOM   109 C CB  . ALA A 1 15 ? -6.314  4.088   6.468   1.00 4.88  ? 15  ALA A CB  1 
ATOM   110 N N   . LEU A 1 16 ? -4.971  1.247   6.907   1.00 5.65  ? 16  LEU A N   1 
ATOM   111 C CA  . LEU A 1 16 ? -3.857  0.345   6.669   1.00 6.77  ? 16  LEU A CA  1 
ATOM   112 C C   . LEU A 1 16 ? -4.352  -0.983  6.118   1.00 6.87  ? 16  LEU A C   1 
ATOM   113 O O   . LEU A 1 16 ? -3.767  -1.520  5.182   1.00 8.41  ? 16  LEU A O   1 
ATOM   114 C CB  . LEU A 1 16 ? -3.013  0.182   7.948   1.00 6.66  ? 16  LEU A CB  1 
ATOM   115 C CG  . LEU A 1 16 ? -1.727  -0.607  7.880   1.00 8.12  ? 16  LEU A CG  1 
ATOM   116 C CD1 . LEU A 1 16 ? -0.772  0.060   6.943   1.00 8.69  ? 16  LEU A CD1 1 
ATOM   117 C CD2 . LEU A 1 16 ? -1.150  -0.642  9.278   1.00 9.66  ? 16  LEU A CD2 1 
ATOM   118 N N   . ASN A 1 17 ? -5.444  -1.506  6.660   1.00 8.51  ? 17  ASN A N   1 
ATOM   119 C CA  . ASN A 1 17 ? -5.968  -2.769  6.172   1.00 8.44  ? 17  ASN A CA  1 
ATOM   120 C C   . ASN A 1 17 ? -6.384  -2.670  4.709   1.00 7.95  ? 17  ASN A C   1 
ATOM   121 O O   . ASN A 1 17 ? -6.104  -3.564  3.925   1.00 8.27  ? 17  ASN A O   1 
ATOM   122 C CB  . ASN A 1 17 ? -7.123  -3.232  7.043   1.00 9.75  ? 17  ASN A CB  1 
ATOM   123 C CG  . ASN A 1 17 ? -7.791  -4.479  6.507   1.00 15.11 ? 17  ASN A CG  1 
ATOM   124 O OD1 . ASN A 1 17 ? -8.942  -4.433  6.078   1.00 18.31 ? 17  ASN A OD1 1 
ATOM   125 N ND2 . ASN A 1 17 ? -7.065  -5.604  6.515   1.00 19.37 ? 17  ASN A ND2 1 
ATOM   126 N N   . THR A 1 18 ? -6.990  -1.544  4.349   1.00 6.82  ? 18  THR A N   1 
ATOM   127 C CA  . THR A 1 18 ? -7.362  -1.283  2.977   1.00 6.25  ? 18  THR A CA  1 
ATOM   128 C C   . THR A 1 18 ? -6.159  -1.139  2.075   1.00 5.89  ? 18  THR A C   1 
ATOM   129 O O   . THR A 1 18 ? -6.121  -1.739  1.006   1.00 6.81  ? 18  THR A O   1 
ATOM   130 C CB  . THR A 1 18 ? -8.269  -0.062  2.895   1.00 6.63  ? 18  THR A CB  1 
ATOM   131 O OG1 . THR A 1 18 ? -9.497  -0.371  3.548   1.00 9.17  ? 18  THR A OG1 1 
ATOM   132 C CG2 . THR A 1 18 ? -8.699  0.151   1.437   1.00 8.63  ? 18  THR A CG2 1 
ATOM   133 N N   . LEU A 1 19 ? -5.162  -0.376  2.526   1.00 4.89  ? 19  LEU A N   1 
ATOM   134 C CA  . LEU A 1 19 ? -3.967  -0.164  1.690   1.00 5.94  ? 19  LEU A CA  1 
ATOM   135 C C   . LEU A 1 19 ? -3.201  -1.463  1.474   1.00 6.15  ? 19  LEU A C   1 
ATOM   136 O O   . LEU A 1 19 ? -2.694  -1.685  0.358   1.00 8.22  ? 19  LEU A O   1 
ATOM   137 C CB  . LEU A 1 19 ? -3.037  0.904   2.299   1.00 5.59  ? 19  LEU A CB  1 
ATOM   138 C CG  . LEU A 1 19 ? -3.628  2.304   2.269   1.00 6.92  ? 19  LEU A CG  1 
ATOM   139 C CD1 . LEU A 1 19 ? -2.890  3.129   3.263   1.00 8.50  ? 19  LEU A CD1 1 
ATOM   140 C CD2 . LEU A 1 19 ? -3.466  2.878   0.856   1.00 8.70  ? 19  LEU A CD2 1 
ATOM   141 N N   . VAL A 1 20 ? -3.125  -2.329  2.490   1.00 8.07  ? 20  VAL A N   1 
ATOM   142 C CA  . VAL A 1 20 ? -2.434  -3.619  2.352   1.00 8.64  ? 20  VAL A CA  1 
ATOM   143 C C   . VAL A 1 20 ? -3.145  -4.488  1.326   1.00 7.49  ? 20  VAL A C   1 
ATOM   144 O O   . VAL A 1 20 ? -2.517  -5.139  0.501   1.00 6.45  ? 20  VAL A O   1 
ATOM   145 C CB  . VAL A 1 20 ? -2.298  -4.331  3.732   1.00 10.02 ? 20  VAL A CB  1 
ATOM   146 C CG1 . VAL A 1 20 ? -1.950  -5.845  3.582   1.00 12.02 ? 20  VAL A CG1 1 
ATOM   147 C CG2 . VAL A 1 20 ? -1.275  -3.589  4.582   1.00 13.19 ? 20  VAL A CG2 1 
ATOM   148 N N   . LYS A 1 21 ? -4.472  -4.458  1.333   1.00 6.20  ? 21  LYS A N   1 
ATOM   149 C CA  . LYS A 1 21 ? -5.226  -5.232  0.341   1.00 5.99  ? 21  LYS A CA  1 
ATOM   150 C C   . LYS A 1 21 ? -4.969  -4.704  -1.072  1.00 6.18  ? 21  LYS A C   1 
ATOM   151 O O   . LYS A 1 21 ? -4.729  -5.482  -1.989  1.00 5.27  ? 21  LYS A O   1 
ATOM   152 C CB  . LYS A 1 21 ? -6.717  -5.222  0.684   1.00 6.87  ? 21  LYS A CB  1 
ATOM   153 C CG  . LYS A 1 21 ? -7.048  -6.056  1.925   1.00 9.33  ? 21  LYS A CG  1 
ATOM   154 C CD  . LYS A 1 21 ? -8.391  -5.651  2.502   1.00 11.11 ? 21  LYS A CD  1 
ATOM   155 C CE  . LYS A 1 21 ? -8.729  -6.412  3.768   1.00 14.29 ? 21  LYS A CE  1 
ATOM   156 N NZ  . LYS A 1 21 ? -10.053 -5.968  4.331   1.00 17.05 ? 21  LYS A NZ  1 
ATOM   157 N N   . GLN A 1 22 ? -4.927  -3.382  -1.222  1.00 5.85  ? 22  GLN A N   1 
ATOM   158 C CA  . GLN A 1 22 ? -4.611  -2.786  -2.518  1.00 5.99  ? 22  GLN A CA  1 
ATOM   159 C C   . GLN A 1 22 ? -3.192  -3.095  -2.998  1.00 5.98  ? 22  GLN A C   1 
ATOM   160 O O   . GLN A 1 22 ? -2.959  -3.460  -4.153  1.00 6.70  ? 22  GLN A O   1 
ATOM   161 C CB  . GLN A 1 22 ? -4.875  -1.283  -2.498  1.00 6.47  ? 22  GLN A CB  1 
ATOM   162 C CG  . GLN A 1 22 ? -6.345  -0.932  -2.242  1.00 8.28  ? 22  GLN A CG  1 
ATOM   163 C CD  . GLN A 1 22 ? -6.631  0.563   -2.254  1.00 11.31 ? 22  GLN A CD  1 
ATOM   164 O OE1 . GLN A 1 22 ? -5.914  1.345   -1.609  1.00 14.01 ? 22  GLN A OE1 1 
ATOM   165 N NE2 . GLN A 1 22 ? -7.663  0.962   -2.975  1.00 12.05 ? 22  GLN A NE2 1 
ATOM   166 N N   . LEU A 1 23 ? -2.229  -2.978  -2.097  1.00 6.43  ? 23  LEU A N   1 
ATOM   167 C CA  . LEU A 1 23 ? -0.843  -3.301  -2.442  1.00 6.54  ? 23  LEU A CA  1 
ATOM   168 C C   . LEU A 1 23 ? -0.716  -4.761  -2.875  1.00 5.88  ? 23  LEU A C   1 
ATOM   169 O O   . LEU A 1 23 ? 0.005   -5.094  -3.850  1.00 6.49  ? 23  LEU A O   1 
ATOM   170 C CB  . LEU A 1 23 ? 0.012   -3.107  -1.196  1.00 8.07  ? 23  LEU A CB  1 
ATOM   171 C CG  . LEU A 1 23 ? 1.100   -2.087  -1.111  1.00 14.17 ? 23  LEU A CG  1 
ATOM   172 C CD1 . LEU A 1 23 ? 2.033   -2.486  0.062   1.00 11.29 ? 23  LEU A CD1 1 
ATOM   173 C CD2 . LEU A 1 23 ? 1.869   -1.959  -2.406  1.00 11.55 ? 23  LEU A CD2 1 
ATOM   174 N N   . SER A 1 24 ? -1.371  -5.643  -2.126  1.00 6.55  ? 24  SER A N   1 
ATOM   175 C CA  . SER A 1 24 ? -1.335  -7.070  -2.436  1.00 7.20  ? 24  SER A CA  1 
ATOM   176 C C   . SER A 1 24 ? -1.864  -7.387  -3.821  1.00 7.25  ? 24  SER A C   1 
ATOM   177 O O   . SER A 1 24 ? -1.228  -8.132  -4.575  1.00 7.40  ? 24  SER A O   1 
ATOM   178 C CB  . SER A 1 24 ? -2.162  -7.840  -1.423  1.00 6.71  ? 24  SER A CB  1 
ATOM   179 O OG  . SER A 1 24 ? -1.592  -7.772  -0.121  1.00 10.14 ? 24  SER A OG  1 
ATOM   180 N N   . SER A 1 25 ? -3.009  -6.817  -4.166  1.00 6.58  ? 25  SER A N   1 
ATOM   181 C CA  . SER A 1 25 ? -3.570  -7.092  -5.492  1.00 6.87  ? 25  SER A CA  1 
ATOM   182 C C   . SER A 1 25 ? -2.687  -6.545  -6.610  1.00 6.29  ? 25  SER A C   1 
ATOM   183 O O   . SER A 1 25 ? -2.349  -7.269  -7.577  1.00 7.41  ? 25  SER A O   1 
ATOM   184 C CB  . SER A 1 25 ? -5.010  -6.628  -5.614  1.00 7.65  ? 25  SER A CB  1 
ATOM   185 O OG  . SER A 1 25 ? -5.210  -5.232  -5.448  1.00 13.43 ? 25  SER A OG  1 
ATOM   186 N N   . ASN A 1 26 ? -2.281  -5.281  -6.482  1.00 6.10  ? 26  ASN A N   1 
ATOM   187 C CA  . ASN A 1 26 ? -1.462  -4.696  -7.530  1.00 5.75  ? 26  ASN A CA  1 
ATOM   188 C C   . ASN A 1 26 ? -0.105  -5.351  -7.663  1.00 6.74  ? 26  ASN A C   1 
ATOM   189 O O   . ASN A 1 26 ? 0.373   -5.582  -8.783  1.00 6.34  ? 26  ASN A O   1 
ATOM   190 C CB  . ASN A 1 26 ? -1.315  -3.204  -7.281  1.00 6.12  ? 26  ASN A CB  1 
ATOM   191 C CG  . ASN A 1 26 ? -2.548  -2.458  -7.647  1.00 6.69  ? 26  ASN A CG  1 
ATOM   192 O OD1 . ASN A 1 26 ? -2.932  -2.397  -8.820  1.00 8.34  ? 26  ASN A OD1 1 
ATOM   193 N ND2 . ASN A 1 26 ? -3.181  -1.859  -6.655  1.00 9.87  ? 26  ASN A ND2 1 
ATOM   194 N N   . PHE A 1 27 ? 0.528   -5.650  -6.533  1.00 6.38  ? 27  PHE A N   1 
ATOM   195 C CA  . PHE A 1 27 ? 1.824   -6.289  -6.595  1.00 5.99  ? 27  PHE A CA  1 
ATOM   196 C C   . PHE A 1 27 ? 1.759   -7.739  -7.070  1.00 7.58  ? 27  PHE A C   1 
ATOM   197 O O   . PHE A 1 27 ? 2.764   -8.252  -7.576  1.00 9.04  ? 27  PHE A O   1 
ATOM   198 C CB  . PHE A 1 27 ? 2.607   -6.140  -5.274  1.00 5.42  ? 27  PHE A CB  1 
ATOM   199 C CG  . PHE A 1 27 ? 4.062   -6.309  -5.462  1.00 4.67  ? 27  PHE A CG  1 
ATOM   200 C CD1 . PHE A 1 27 ? 4.785   -5.372  -6.202  1.00 2.90  ? 27  PHE A CD1 1 
ATOM   201 C CD2 . PHE A 1 27 ? 4.704   -7.463  -5.009  1.00 4.41  ? 27  PHE A CD2 1 
ATOM   202 C CE1 . PHE A 1 27 ? 6.161   -5.546  -6.448  1.00 4.17  ? 27  PHE A CE1 1 
ATOM   203 C CE2 . PHE A 1 27 ? 6.056   -7.645  -5.229  1.00 5.64  ? 27  PHE A CE2 1 
ATOM   204 C CZ  . PHE A 1 27 ? 6.790   -6.715  -5.952  1.00 3.89  ? 27  PHE A CZ  1 
ATOM   205 N N   . GLY A 1 28 ? 0.622   -8.408  -6.919  1.00 7.78  ? 28  GLY A N   1 
ATOM   206 C CA  . GLY A 1 28 ? 0.469   -9.750  -7.477  1.00 8.35  ? 28  GLY A CA  1 
ATOM   207 C C   . GLY A 1 28 ? 0.640   -9.732  -8.984  1.00 8.97  ? 28  GLY A C   1 
ATOM   208 O O   . GLY A 1 28 ? 1.341   -10.581 -9.576  1.00 7.58  ? 28  GLY A O   1 
ATOM   209 N N   . ALA A 1 29 ? 0.069   -8.705  -9.603  1.00 7.90  ? 29  ALA A N   1 
ATOM   210 C CA  . ALA A 1 29 ? 0.177   -8.538  -11.042 1.00 7.98  ? 29  ALA A CA  1 
ATOM   211 C C   . ALA A 1 29 ? 1.623   -8.251  -11.458 1.00 6.96  ? 29  ALA A C   1 
ATOM   212 O O   . ALA A 1 29 ? 2.148   -8.840  -12.425 1.00 8.43  ? 29  ALA A O   1 
ATOM   213 C CB  . ALA A 1 29 ? -0.737  -7.443  -11.496 1.00 7.36  ? 29  ALA A CB  1 
ATOM   214 N N   . ILE A 1 30 ? 2.253   -7.329  -10.749 1.00 6.56  ? 30  ILE A N   1 
ATOM   215 C CA  . ILE A 1 30 ? 3.638   -6.960  -11.027 1.00 6.20  ? 30  ILE A CA  1 
ATOM   216 C C   . ILE A 1 30 ? 4.608   -8.122  -10.795 1.00 6.35  ? 30  ILE A C   1 
ATOM   217 O O   . ILE A 1 30 ? 5.456   -8.398  -11.652 1.00 6.83  ? 30  ILE A O   1 
ATOM   218 C CB  . ILE A 1 30 ? 4.039   -5.706  -10.197 1.00 6.63  ? 30  ILE A CB  1 
ATOM   219 C CG1 . ILE A 1 30 ? 3.368   -4.448  -10.778 1.00 7.09  ? 30  ILE A CG1 1 
ATOM   220 C CG2 . ILE A 1 30 ? 5.555   -5.507  -10.206 1.00 6.01  ? 30  ILE A CG2 1 
ATOM   221 C CD1 . ILE A 1 30 ? 3.424   -3.271  -9.853  1.00 8.51  ? 30  ILE A CD1 1 
ATOM   222 N N   . SER A 1 31 ? 4.496   -8.789  -9.644  1.00 4.85  ? 31  SER A N   1 
ATOM   223 C CA  . SER A 1 31 ? 5.420   -9.883  -9.370  1.00 4.75  ? 31  SER A CA  1 
ATOM   224 C C   . SER A 1 31 ? 5.265   -11.037 -10.351 1.00 4.61  ? 31  SER A C   1 
ATOM   225 O O   . SER A 1 31 ? 6.255   -11.663 -10.690 1.00 4.83  ? 31  SER A O   1 
ATOM   226 C CB  . SER A 1 31 ? 5.277   -10.349 -7.924  1.00 4.47  ? 31  SER A CB  1 
ATOM   227 O OG  . SER A 1 31 ? 4.016   -10.957 -7.718  1.00 5.69  ? 31  SER A OG  1 
ATOM   228 N N   . SER A 1 32 ? 4.053   -11.271 -10.833 1.00 4.72  ? 32  SER A N   1 
ATOM   229 C CA  . SER A 1 32 ? 3.847   -12.360 -11.796 1.00 5.09  ? 32  SER A CA  1 
ATOM   230 C C   . SER A 1 32 ? 4.583   -12.070 -13.115 1.00 5.24  ? 32  SER A C   1 
ATOM   231 O O   . SER A 1 32 ? 5.316   -12.941 -13.621 1.00 3.99  ? 32  SER A O   1 
ATOM   232 C CB  . SER A 1 32 ? 2.350   -12.611 -12.016 1.00 5.66  ? 32  SER A CB  1 
ATOM   233 O OG  . SER A 1 32 ? 2.143   -13.740 -12.825 1.00 9.02  ? 32  SER A OG  1 
ATOM   234 N N   . VAL A 1 33 ? 4.444   -10.855 -13.628 1.00 5.32  ? 33  VAL A N   1 
ATOM   235 C CA  . VAL A 1 33 ? 5.129   -10.476 -14.871 1.00 6.20  ? 33  VAL A CA  1 
ATOM   236 C C   . VAL A 1 33 ? 6.649   -10.448 -14.692 1.00 6.28  ? 33  VAL A C   1 
ATOM   237 O O   . VAL A 1 33 ? 7.376   -10.902 -15.587 1.00 6.07  ? 33  VAL A O   1 
ATOM   238 C CB  . VAL A 1 33 ? 4.570   -9.143  -15.481 1.00 7.02  ? 33  VAL A CB  1 
ATOM   239 C CG1 . VAL A 1 33 ? 3.059   -9.223  -15.683 1.00 11.25 ? 33  VAL A CG1 1 
ATOM   240 C CG2 . VAL A 1 33 ? 4.970   -7.926  -14.689 1.00 11.06 ? 33  VAL A CG2 1 
ATOM   241 N N   . LEU A 1 34 ? 7.127   -9.956  -13.552 1.00 5.87  ? 34  LEU A N   1 
ATOM   242 C CA  . LEU A 1 34 ? 8.571   -9.954  -13.320 1.00 6.75  ? 34  LEU A CA  1 
ATOM   243 C C   . LEU A 1 34 ? 9.129   -11.365 -13.219 1.00 7.20  ? 34  LEU A C   1 
ATOM   244 O O   . LEU A 1 34 ? 10.245  -11.650 -13.710 1.00 6.60  ? 34  LEU A O   1 
ATOM   245 C CB  . LEU A 1 34 ? 8.912   -9.152  -12.078 1.00 7.68  ? 34  LEU A CB  1 
ATOM   246 C CG  . LEU A 1 34 ? 8.763   -7.657  -12.323 1.00 8.54  ? 34  LEU A CG  1 
ATOM   247 C CD1 . LEU A 1 34 ? 8.943   -6.916  -11.010 1.00 8.06  ? 34  LEU A CD1 1 
ATOM   248 C CD2 . LEU A 1 34 ? 9.765   -7.177  -13.361 1.00 11.39 ? 34  LEU A CD2 1 
ATOM   249 N N   . ASN A 1 35 ? 8.360   -12.273 -12.612 1.00 6.91  ? 35  ASN A N   1 
ATOM   250 C CA  . ASN A 1 35 ? 8.754   -13.705 -12.571 1.00 6.68  ? 35  ASN A CA  1 
ATOM   251 C C   . ASN A 1 35 ? 8.912   -14.282 -13.973 1.00 6.92  ? 35  ASN A C   1 
ATOM   252 O O   . ASN A 1 35 ? 9.858   -15.068 -14.244 1.00 6.99  ? 35  ASN A O   1 
ATOM   253 C CB  . ASN A 1 35 ? 7.723   -14.513 -11.761 1.00 7.72  ? 35  ASN A CB  1 
ATOM   254 C CG  . ASN A 1 35 ? 7.960   -16.023 -11.822 1.00 11.33 ? 35  ASN A CG  1 
ATOM   255 O OD1 . ASN A 1 35 ? 7.228   -16.756 -12.502 1.00 13.64 ? 35  ASN A OD1 1 
ATOM   256 N ND2 . ASN A 1 35 ? 8.968   -16.497 -11.097 1.00 10.23 ? 35  ASN A ND2 1 
ATOM   257 N N   . ASP A 1 36 ? 8.021   -13.871 -14.875 1.00 6.43  ? 36  ASP A N   1 
ATOM   258 C CA  . ASP A 1 36 ? 8.046   -14.361 -16.246 1.00 6.97  ? 36  ASP A CA  1 
ATOM   259 C C   . ASP A 1 36 ? 9.262   -13.839 -16.983 1.00 7.56  ? 36  ASP A C   1 
ATOM   260 O O   . ASP A 1 36 ? 9.956   -14.608 -17.678 1.00 8.11  ? 36  ASP A O   1 
ATOM   261 C CB  . ASP A 1 36 ? 6.783   -13.956 -16.995 1.00 6.98  ? 36  ASP A CB  1 
ATOM   262 C CG  . ASP A 1 36 ? 5.606   -14.823 -16.660 1.00 8.18  ? 36  ASP A CG  1 
ATOM   263 O OD1 . ASP A 1 36 ? 5.776   -15.883 -16.020 1.00 9.61  ? 36  ASP A OD1 1 
ATOM   264 O OD2 . ASP A 1 36 ? 4.448   -14.497 -16.982 1.00 11.20 ? 36  ASP A OD2 1 
ATOM   265 N N   . ILE A 1 37 ? 9.519   -12.543 -16.826 1.00 7.98  ? 37  ILE A N   1 
ATOM   266 C CA  . ILE A 1 37 ? 10.661  -11.913 -17.488 1.00 11.03 ? 37  ILE A CA  1 
ATOM   267 C C   . ILE A 1 37 ? 11.967  -12.545 -16.981 1.00 13.42 ? 37  ILE A C   1 
ATOM   268 O O   . ILE A 1 37 ? 12.829  -12.890 -17.780 1.00 13.15 ? 37  ILE A O   1 
ATOM   269 C CB  . ILE A 1 37 ? 10.643  -10.377 -17.334 1.00 10.36 ? 37  ILE A CB  1 
ATOM   270 C CG1 . ILE A 1 37 ? 9.432   -9.785  -18.079 1.00 9.68  ? 37  ILE A CG1 1 
ATOM   271 C CG2 . ILE A 1 37 ? 11.990  -9.773  -17.828 1.00 10.61 ? 37  ILE A CG2 1 
ATOM   272 C CD1 . ILE A 1 37 ? 9.045   -8.387  -17.648 1.00 11.73 ? 37  ILE A CD1 1 
ATOM   273 N N   . SER A 1 38 ? 12.102  -12.702 -15.659 1.00 17.65 ? 38  SER A N   1 
ATOM   274 C CA  . SER A 1 38 ? 13.286  -13.392 -15.092 1.00 20.70 ? 38  SER A CA  1 
ATOM   275 C C   . SER A 1 38 ? 13.367  -14.883 -15.397 1.00 22.64 ? 38  SER A C   1 
ATOM   276 O O   . SER A 1 38 ? 14.433  -15.518 -15.226 1.00 23.30 ? 38  SER A O   1 
ATOM   277 C CB  . SER A 1 38 ? 13.360  -13.186 -13.580 1.00 21.80 ? 38  SER A CB  1 
ATOM   278 O OG  . SER A 1 38 ? 13.438  -11.813 -13.270 1.00 26.23 ? 38  SER A OG  1 
ATOM   279 N N   . GLY A 1 39 ? 12.247  -15.456 -15.818 1.00 22.68 ? 39  GLY A N   1 
ATOM   280 C CA  . GLY A 1 39 ? 12.195  -16.840 -16.230 1.00 24.46 ? 39  GLY A CA  1 
ATOM   281 C C   . GLY A 1 39 ? 12.558  -17.000 -17.690 1.00 24.81 ? 39  GLY A C   1 
ATOM   282 O O   . GLY A 1 39 ? 12.538  -18.130 -18.193 1.00 25.90 ? 39  GLY A O   1 
ATOM   283 N N   . GLY A 1 40 ? 12.876  -15.882 -18.347 1.00 25.80 ? 40  GLY A N   1 
ATOM   284 C CA  . GLY A 1 40 ? 13.187  -15.828 -19.771 1.00 25.50 ? 40  GLY A CA  1 
ATOM   285 C C   . GLY A 1 40 ? 12.011  -16.061 -20.710 1.00 26.00 ? 40  GLY A C   1 
ATOM   286 O O   . GLY A 1 40 ? 12.202  -16.358 -21.904 1.00 25.72 ? 40  GLY A O   1 
ATOM   287 N N   . ARG A 1 41 ? 10.794  -15.906 -20.182 1.00 25.53 ? 41  ARG A N   1 
ATOM   288 C CA  . ARG A 1 41 ? 9.562   -16.216 -20.919 1.00 25.73 ? 41  ARG A CA  1 
ATOM   289 C C   . ARG A 1 41 ? 8.902   -14.978 -21.511 1.00 25.34 ? 41  ARG A C   1 
ATOM   290 O O   . ARG A 1 41 ? 7.759   -15.035 -21.998 1.00 26.30 ? 41  ARG A O   1 
ATOM   291 C CB  . ARG A 1 41 ? 8.555   -16.901 -19.993 1.00 25.55 ? 41  ARG A CB  1 
ATOM   292 C CG  . ARG A 1 41 ? 8.938   -18.306 -19.577 1.00 26.93 ? 41  ARG A CG  1 
ATOM   293 C CD  . ARG A 1 41 ? 8.175   -18.814 -18.380 1.00 28.16 ? 41  ARG A CD  1 
ATOM   294 N NE  . ARG A 1 41 ? 6.752   -19.050 -18.655 1.00 29.60 ? 41  ARG A NE  1 
ATOM   295 C CZ  . ARG A 1 41 ? 6.217   -20.223 -18.986 1.00 29.78 ? 41  ARG A CZ  1 
ATOM   296 N NH1 . ARG A 1 41 ? 6.973   -21.312 -19.126 1.00 30.29 ? 41  ARG A NH1 1 
ATOM   297 N NH2 . ARG A 1 41 ? 4.913   -20.305 -19.199 1.00 31.07 ? 41  ARG A NH2 1 
ATOM   298 N N   . GLY A 1 42 ? 9.620   -13.862 -21.468 1.00 24.58 ? 42  GLY A N   1 
ATOM   299 C CA  . GLY A 1 42 ? 9.053   -12.580 -21.821 1.00 23.63 ? 42  GLY A CA  1 
ATOM   300 C C   . GLY A 1 42 ? 8.055   -12.242 -20.746 1.00 22.59 ? 42  GLY A C   1 
ATOM   301 O O   . GLY A 1 42 ? 7.980   -12.932 -19.723 1.00 24.21 ? 42  GLY A O   1 
ATOM   302 N N   . GLY A 1 43 ? 7.275   -11.203 -20.984 1.00 21.44 ? 43  GLY A N   1 
ATOM   303 C CA  . GLY A 1 43 ? 6.293   -10.784 -19.994 1.00 18.37 ? 43  GLY A CA  1 
ATOM   304 C C   . GLY A 1 43 ? 5.167   -10.043 -20.647 1.00 16.41 ? 43  GLY A C   1 
ATOM   305 O O   . GLY A 1 43 ? 5.383   -9.243  -21.556 1.00 17.69 ? 43  GLY A O   1 
ATOM   306 N N   . ASP A 1 44 ? 3.947   -10.300 -20.182 1.00 12.06 ? 44  ASP A N   1 
ATOM   307 C CA  . ASP A 1 44 ? 2.792   -9.570  -20.661 1.00 10.09 ? 44  ASP A CA  1 
ATOM   308 C C   . ASP A 1 44 ? 2.636   -8.366  -19.763 1.00 8.10  ? 44  ASP A C   1 
ATOM   309 O O   . ASP A 1 44 ? 2.231   -8.492  -18.615 1.00 9.32  ? 44  ASP A O   1 
ATOM   310 C CB  . ASP A 1 44 ? 1.553   -10.434 -20.550 1.00 9.78  ? 44  ASP A CB  1 
ATOM   311 C CG  . ASP A 1 44 ? 0.318   -9.740  -21.074 1.00 9.31  ? 44  ASP A CG  1 
ATOM   312 O OD1 . ASP A 1 44 ? 0.399   -8.537  -21.430 1.00 6.17  ? 44  ASP A OD1 1 
ATOM   313 O OD2 . ASP A 1 44 ? -0.751  -10.353 -21.211 1.00 12.74 ? 44  ASP A OD2 1 
ATOM   314 N N   . ILE A 1 45 ? 2.946   -7.188  -20.282 1.00 7.53  ? 45  ILE A N   1 
ATOM   315 C CA  . ILE A 1 45 ? 2.876   -5.993  -19.444 1.00 8.05  ? 45  ILE A CA  1 
ATOM   316 C C   . ILE A 1 45 ? 1.521   -5.280  -19.474 1.00 6.20  ? 45  ILE A C   1 
ATOM   317 O O   . ILE A 1 45 ? 1.389   -4.165  -18.938 1.00 5.63  ? 45  ILE A O   1 
ATOM   318 C CB  . ILE A 1 45 ? 4.056   -5.032  -19.702 1.00 9.49  ? 45  ILE A CB  1 
ATOM   319 C CG1 . ILE A 1 45 ? 3.955   -4.451  -21.111 1.00 11.20 ? 45  ILE A CG1 1 
ATOM   320 C CG2 . ILE A 1 45 ? 5.415   -5.750  -19.381 1.00 11.19 ? 45  ILE A CG2 1 
ATOM   321 C CD1 . ILE A 1 45 ? 5.224   -3.760  -21.613 1.00 18.82 ? 45  ILE A CD1 1 
ATOM   322 N N   . SER A 1 46 ? 0.509   -5.923  -20.061 1.00 5.35  ? 46  SER A N   1 
ATOM   323 C CA  . SER A 1 46 ? -0.867  -5.380  -20.020 1.00 5.28  ? 46  SER A CA  1 
ATOM   324 C C   . SER A 1 46 ? -1.271  -5.020  -18.598 1.00 5.20  ? 46  SER A C   1 
ATOM   325 O O   . SER A 1 46 ? -1.211  -5.850  -17.699 1.00 6.25  ? 46  SER A O   1 
ATOM   326 C CB  . SER A 1 46 ? -1.875  -6.441  -20.499 1.00 4.59  ? 46  SER A CB  1 
ATOM   327 O OG  . SER A 1 46 ? -1.524  -6.923  -21.758 1.00 6.54  ? 46  SER A OG  1 
ATOM   328 N N   . GLY A 1 47 ? -1.732  -3.771  -18.405 1.00 5.60  ? 47  GLY A N   1 
ATOM   329 C CA  . GLY A 1 47 ? -2.242  -3.331  -17.118 1.00 5.95  ? 47  GLY A CA  1 
ATOM   330 C C   . GLY A 1 47 ? -1.168  -2.948  -16.138 1.00 5.68  ? 47  GLY A C   1 
ATOM   331 O O   . GLY A 1 47 ? -1.497  -2.441  -15.067 1.00 6.71  ? 47  GLY A O   1 
ATOM   332 N N   . ILE A 1 48 ? 0.100   -3.170  -16.461 1.00 5.46  ? 48  ILE A N   1 
ATOM   333 C CA  . ILE A 1 48 ? 1.145   -2.990  -15.449 1.00 6.48  ? 48  ILE A CA  1 
ATOM   334 C C   . ILE A 1 48 ? 1.394   -1.528  -15.128 1.00 6.60  ? 48  ILE A C   1 
ATOM   335 O O   . ILE A 1 48 ? 1.609   -1.191  -13.955 1.00 7.24  ? 48  ILE A O   1 
ATOM   336 C CB  . ILE A 1 48 ? 2.440   -3.730  -15.853 1.00 6.36  ? 48  ILE A CB  1 
ATOM   337 C CG1 . ILE A 1 48 ? 2.184   -5.248  -15.793 1.00 8.64  ? 48  ILE A CG1 1 
ATOM   338 C CG2 . ILE A 1 48 ? 3.630   -3.268  -14.983 1.00 7.46  ? 48  ILE A CG2 1 
ATOM   339 C CD1 . ILE A 1 48 ? 1.845   -5.785  -14.371 1.00 8.68  ? 48  ILE A CD1 1 
ATOM   340 N N   . ASN A 1 49 ? 1.350   -0.641  -16.120 1.00 6.36  ? 49  ASN A N   1 
ATOM   341 C CA  . ASN A 1 49 ? 1.499   0.800   -15.852 1.00 7.21  ? 49  ASN A CA  1 
ATOM   342 C C   . ASN A 1 49 ? 0.487   1.231   -14.776 1.00 6.51  ? 49  ASN A C   1 
ATOM   343 O O   . ASN A 1 49 ? 0.833   1.973   -13.859 1.00 7.61  ? 49  ASN A O   1 
ATOM   344 C CB  . ASN A 1 49 ? 1.295   1.627   -17.139 1.00 7.71  ? 49  ASN A CB  1 
ATOM   345 C CG  . ASN A 1 49 ? 2.484   1.578   -18.143 1.00 12.87 ? 49  ASN A CG  1 
ATOM   346 O OD1 . ASN A 1 49 ? 3.606   1.244   -17.797 1.00 19.60 ? 49  ASN A OD1 1 
ATOM   347 N ND2 . ASN A 1 49 ? 2.208   1.961   -19.395 1.00 17.25 ? 49  ASN A ND2 1 
ATOM   348 N N   . ALA A 1 50 ? -0.760  0.804   -14.904 1.00 6.21  ? 50  ALA A N   1 
ATOM   349 C CA  . ALA A 1 50 ? -1.784  1.210   -13.941 1.00 4.90  ? 50  ALA A CA  1 
ATOM   350 C C   . ALA A 1 50 ? -1.525  0.643   -12.563 1.00 6.27  ? 50  ALA A C   1 
ATOM   351 O O   . ALA A 1 50 ? -1.763  1.335   -11.546 1.00 7.52  ? 50  ALA A O   1 
ATOM   352 C CB  . ALA A 1 50 ? -3.153  0.798   -14.439 1.00 4.79  ? 50  ALA A CB  1 
ATOM   353 N N   . SER A 1 51 ? -1.028  -0.586  -12.494 1.00 6.37  ? 51  SER A N   1 
ATOM   354 C CA  . SER A 1 51 ? -0.671  -1.159  -11.183 1.00 6.89  ? 51  SER A CA  1 
ATOM   355 C C   . SER A 1 51 ? 0.449   -0.405  -10.527 1.00 6.48  ? 51  SER A C   1 
ATOM   356 O O   . SER A 1 51 ? 0.450   -0.227  -9.288  1.00 8.09  ? 51  SER A O   1 
ATOM   357 C CB  . SER A 1 51 ? -0.281  -2.630  -11.299 1.00 9.06  ? 51  SER A CB  1 
ATOM   358 O OG  . SER A 1 51 ? -1.420  -3.402  -11.593 1.00 16.52 ? 51  SER A OG  1 
ATOM   359 N N   . VAL A 1 52 ? 1.412   0.046   -11.328 1.00 6.24  ? 52  VAL A N   1 
ATOM   360 C CA  . VAL A 1 52 ? 2.551   0.796   -10.796 1.00 4.68  ? 52  VAL A CA  1 
ATOM   361 C C   . VAL A 1 52 ? 2.028   2.126   -10.235 1.00 5.59  ? 52  VAL A C   1 
ATOM   362 O O   . VAL A 1 52 ? 2.406   2.517   -9.125  1.00 6.77  ? 52  VAL A O   1 
ATOM   363 C CB  . VAL A 1 52 ? 3.607   1.053   -11.883 1.00 5.09  ? 52  VAL A CB  1 
ATOM   364 C CG1 . VAL A 1 52 ? 4.628   2.064   -11.421 1.00 6.12  ? 52  VAL A CG1 1 
ATOM   365 C CG2 . VAL A 1 52 ? 4.331   -0.235  -12.249 1.00 5.60  ? 52  VAL A CG2 1 
ATOM   366 N N   . VAL A 1 53 ? 1.152   2.822   -10.966 1.00 5.67  ? 53  VAL A N   1 
ATOM   367 C CA  . VAL A 1 53 ? 0.577   4.077   -10.466 1.00 5.34  ? 53  VAL A CA  1 
ATOM   368 C C   . VAL A 1 53 ? -0.129  3.831   -9.136  1.00 6.67  ? 53  VAL A C   1 
ATOM   369 O O   . VAL A 1 53 ? 0.056   4.599   -8.180  1.00 7.13  ? 53  VAL A O   1 
ATOM   370 C CB  . VAL A 1 53 ? -0.428  4.651   -11.486 1.00 5.67  ? 53  VAL A CB  1 
ATOM   371 C CG1 . VAL A 1 53 ? -1.329  5.723   -10.820 1.00 6.84  ? 53  VAL A CG1 1 
ATOM   372 C CG2 . VAL A 1 53 ? 0.324   5.159   -12.708 1.00 6.82  ? 53  VAL A CG2 1 
ATOM   373 N N   . ASN A 1 54 ? -0.871  2.739   -9.035  1.00 7.66  ? 54  ASN A N   1 
ATOM   374 C CA  . ASN A 1 54 ? -1.621  2.452   -7.815  1.00 8.78  ? 54  ASN A CA  1 
ATOM   375 C C   . ASN A 1 54 ? -0.668  2.203   -6.643  1.00 7.08  ? 54  ASN A C   1 
ATOM   376 O O   . ASN A 1 54 ? -0.936  2.709   -5.521  1.00 7.75  ? 54  ASN A O   1 
ATOM   377 C CB  . ASN A 1 54 ? -2.480  1.190   -8.014  1.00 10.31 ? 54  ASN A CB  1 
ATOM   378 C CG  . ASN A 1 54 ? -3.611  1.389   -8.963  1.00 14.85 ? 54  ASN A CG  1 
ATOM   379 O OD1 . ASN A 1 54 ? -4.176  2.476   -9.061  1.00 17.76 ? 54  ASN A OD1 1 
ATOM   380 N ND2 . ASN A 1 54 ? -3.989  0.312   -9.648  1.00 14.76 ? 54  ASN A ND2 1 
ATOM   381 N N   . ILE A 1 55 ? 0.398   1.434   -6.870  1.00 6.93  ? 55  ILE A N   1 
ATOM   382 C CA  . ILE A 1 55 ? 1.359   1.162   -5.788  1.00 5.61  ? 55  ILE A CA  1 
ATOM   383 C C   . ILE A 1 55 ? 2.040   2.451   -5.354  1.00 5.53  ? 55  ILE A C   1 
ATOM   384 O O   . ILE A 1 55 ? 2.238   2.646   -4.138  1.00 6.68  ? 55  ILE A O   1 
ATOM   385 C CB  . ILE A 1 55 ? 2.370   0.069   -6.158  1.00 6.74  ? 55  ILE A CB  1 
ATOM   386 C CG1 . ILE A 1 55 ? 1.583   -1.235  -6.287  1.00 8.67  ? 55  ILE A CG1 1 
ATOM   387 C CG2 . ILE A 1 55 ? 3.486   0.040   -5.122  1.00 6.71  ? 55  ILE A CG2 1 
ATOM   388 C CD1 . ILE A 1 55 ? 2.385   -2.381  -6.813  1.00 14.23 ? 55  ILE A CD1 1 
ATOM   389 N N   . GLN A 1 56 ? 2.378   3.342   -6.290  1.00 5.97  ? 56  GLN A N   1 
ATOM   390 C CA  . GLN A 1 56 ? 3.008   4.619   -5.919  1.00 6.36  ? 56  GLN A CA  1 
ATOM   391 C C   . GLN A 1 56 ? 2.083   5.397   -4.999  1.00 6.15  ? 56  GLN A C   1 
ATOM   392 O O   . GLN A 1 56 ? 2.534   5.979   -4.000  1.00 5.64  ? 56  GLN A O   1 
ATOM   393 C CB  . GLN A 1 56 ? 3.367   5.452   -7.139  1.00 5.54  ? 56  GLN A CB  1 
ATOM   394 C CG  . GLN A 1 56 ? 4.381   4.783   -8.046  1.00 7.56  ? 56  GLN A CG  1 
ATOM   395 C CD  . GLN A 1 56 ? 5.778   4.680   -7.486  1.00 9.11  ? 56  GLN A CD  1 
ATOM   396 O OE1 . GLN A 1 56 ? 6.046   4.928   -6.286  1.00 10.18 ? 56  GLN A OE1 1 
ATOM   397 N NE2 . GLN A 1 56 ? 6.703   4.320   -8.366  1.00 8.84  ? 56  GLN A NE2 1 
ATOM   398 N N   . LYS A 1 57 ? 0.789   5.422   -5.317  1.00 5.13  ? 57  LYS A N   1 
ATOM   399 C CA  . LYS A 1 57 ? -0.165  6.148   -4.451  1.00 5.44  ? 57  LYS A CA  1 
ATOM   400 C C   . LYS A 1 57 ? -0.278  5.462   -3.091  1.00 5.64  ? 57  LYS A C   1 
ATOM   401 O O   . LYS A 1 57 ? -0.303  6.164   -2.053  1.00 5.63  ? 57  LYS A O   1 
ATOM   402 C CB  . LYS A 1 57 ? -1.561  6.233   -5.098  1.00 5.67  ? 57  LYS A CB  1 
ATOM   403 C CG  . LYS A 1 57 ? -1.621  7.109   -6.329  1.00 6.25  ? 57  LYS A CG  1 
ATOM   404 C CD  . LYS A 1 57 ? -3.045  7.155   -6.880  1.00 8.97  ? 57  LYS A CD  1 
ATOM   405 C CE  . LYS A 1 57 ? -3.113  8.117   -8.044  1.00 11.33 ? 57  LYS A CE  1 
ATOM   406 N NZ  . LYS A 1 57 ? -4.539  8.374   -8.414  1.00 12.39 ? 57  LYS A NZ  1 
ATOM   407 N N   . GLU A 1 58 ? -0.281  4.125   -3.063  1.00 5.47  ? 58  GLU A N   1 
ATOM   408 C CA  . GLU A 1 58 ? -0.402  3.394   -1.807  1.00 5.76  ? 58  GLU A CA  1 
ATOM   409 C C   . GLU A 1 58 ? 0.790   3.607   -0.895  1.00 6.59  ? 58  GLU A C   1 
ATOM   410 O O   . GLU A 1 58 ? 0.601   3.713   0.328   1.00 7.05  ? 58  GLU A O   1 
ATOM   411 C CB  . GLU A 1 58 ? -0.628  1.890   -2.096  1.00 6.56  ? 58  GLU A CB  1 
ATOM   412 C CG  . GLU A 1 58 ? -2.002  1.619   -2.720  1.00 7.91  ? 58  GLU A CG  1 
ATOM   413 C CD  . GLU A 1 58 ? -2.054  0.522   -3.772  1.00 10.64 ? 58  GLU A CD  1 
ATOM   414 O OE1 . GLU A 1 58 ? -1.122  -0.301  -3.865  1.00 11.32 ? 58  GLU A OE1 1 
ATOM   415 O OE2 . GLU A 1 58 ? -3.063  0.500   -4.532  1.00 11.21 ? 58  GLU A OE2 1 
ATOM   416 N N   . ILE A 1 59 ? 1.994   3.646   -1.458  1.00 6.66  ? 59  ILE A N   1 
ATOM   417 C CA  . ILE A 1 59 ? 3.191   3.940   -0.663  1.00 6.04  ? 59  ILE A CA  1 
ATOM   418 C C   . ILE A 1 59 ? 3.054   5.303   -0.009  1.00 5.09  ? 59  ILE A C   1 
ATOM   419 O O   . ILE A 1 59 ? 3.321   5.457   1.185   1.00 5.69  ? 59  ILE A O   1 
ATOM   420 C CB  . ILE A 1 59 ? 4.465   3.838   -1.524  1.00 6.41  ? 59  ILE A CB  1 
ATOM   421 C CG1 . ILE A 1 59 ? 4.683   2.375   -1.880  1.00 7.22  ? 59  ILE A CG1 1 
ATOM   422 C CG2 . ILE A 1 59 ? 5.669   4.338   -0.712  1.00 7.69  ? 59  ILE A CG2 1 
ATOM   423 C CD1 . ILE A 1 59 ? 5.783   2.116   -2.960  1.00 8.46  ? 59  ILE A CD1 1 
ATOM   424 N N   . ASP A 1 60 ? 2.652   6.314   -0.774  1.00 5.30  ? 60  ASP A N   1 
ATOM   425 C CA  . ASP A 1 60 ? 2.468   7.651   -0.204  1.00 5.41  ? 60  ASP A CA  1 
ATOM   426 C C   . ASP A 1 60 ? 1.379   7.666   0.874   1.00 4.60  ? 60  ASP A C   1 
ATOM   427 O O   . ASP A 1 60 ? 1.511   8.354   1.909   1.00 5.38  ? 60  ASP A O   1 
ATOM   428 C CB  . ASP A 1 60 ? 2.144   8.672   -1.295  1.00 5.41  ? 60  ASP A CB  1 
ATOM   429 C CG  . ASP A 1 60 ? 3.325   9.024   -2.149  1.00 8.40  ? 60  ASP A CG  1 
ATOM   430 O OD1 . ASP A 1 60 ? 4.494   8.769   -1.746  1.00 9.57  ? 60  ASP A OD1 1 
ATOM   431 O OD2 . ASP A 1 60 ? 3.149   9.624   -3.226  1.00 7.10  ? 60  ASP A OD2 1 
ATOM   432 N N   . ARG A 1 61 ? 0.311   6.902   0.644   1.00 4.36  ? 61  ARG A N   1 
ATOM   433 C CA  . ARG A 1 61 ? -0.754  6.819   1.649   1.00 4.37  ? 61  ARG A CA  1 
ATOM   434 C C   . ARG A 1 61 ? -0.295  6.098   2.902   1.00 5.42  ? 61  ARG A C   1 
ATOM   435 O O   . ARG A 1 61 ? -0.690  6.473   4.019   1.00 5.43  ? 61  ARG A O   1 
ATOM   436 C CB  . ARG A 1 61 ? -1.989  6.197   1.020   1.00 4.10  ? 61  ARG A CB  1 
ATOM   437 C CG  . ARG A 1 61 ? -2.664  7.208   0.075   1.00 7.29  ? 61  ARG A CG  1 
ATOM   438 C CD  . ARG A 1 61 ? -3.705  6.676   -0.896  1.00 10.64 ? 61  ARG A CD  1 
ATOM   439 N NE  . ARG A 1 61 ? -4.173  7.756   -1.772  1.00 9.12  ? 61  ARG A NE  1 
ATOM   440 C CZ  . ARG A 1 61 ? -5.135  7.623   -2.679  1.00 11.86 ? 61  ARG A CZ  1 
ATOM   441 N NH1 . ARG A 1 61 ? -5.792  6.468   -2.797  1.00 13.76 ? 61  ARG A NH1 1 
ATOM   442 N NH2 . ARG A 1 61 ? -5.489  8.665   -3.422  1.00 13.18 ? 61  ARG A NH2 1 
ATOM   443 N N   . LEU A 1 62 ? 0.549   5.074   2.740   1.00 4.97  ? 62  LEU A N   1 
ATOM   444 C CA  . LEU A 1 62 ? 1.157   4.399   3.907   1.00 4.64  ? 62  LEU A CA  1 
ATOM   445 C C   . LEU A 1 62 ? 2.029   5.364   4.715   1.00 4.43  ? 62  LEU A C   1 
ATOM   446 O O   . LEU A 1 62 ? 2.032   5.302   5.962   1.00 5.53  ? 62  LEU A O   1 
ATOM   447 C CB  . LEU A 1 62 ? 1.976   3.172   3.478   1.00 6.05  ? 62  LEU A CB  1 
ATOM   448 C CG  . LEU A 1 62 ? 1.095   2.039   2.975   1.00 9.91  ? 62  LEU A CG  1 
ATOM   449 C CD1 . LEU A 1 62 ? 1.879   1.051   2.099   1.00 14.63 ? 62  LEU A CD1 1 
ATOM   450 C CD2 . LEU A 1 62 ? 0.364   1.331   4.079   1.00 9.16  ? 62  LEU A CD2 1 
ATOM   451 N N   . ASN A 1 63 ? 2.774   6.223   4.022   1.00 5.08  ? 63  ASN A N   1 
ATOM   452 C CA  . ASN A 1 63 ? 3.584   7.239   4.702   1.00 5.80  ? 63  ASN A CA  1 
ATOM   453 C C   . ASN A 1 63 ? 2.705   8.175   5.496   1.00 6.20  ? 63  ASN A C   1 
ATOM   454 O O   . ASN A 1 63 ? 3.047   8.531   6.632   1.00 5.97  ? 63  ASN A O   1 
ATOM   455 C CB  . ASN A 1 63 ? 4.422   7.985   3.663   1.00 5.53  ? 63  ASN A CB  1 
ATOM   456 C CG  . ASN A 1 63 ? 5.350   8.994   4.260   1.00 12.54 ? 63  ASN A CG  1 
ATOM   457 O OD1 . ASN A 1 63 ? 6.190   8.657   5.070   1.00 14.85 ? 63  ASN A OD1 1 
ATOM   458 N ND2 . ASN A 1 63 ? 5.223   10.257  3.836   1.00 15.34 ? 63  ASN A ND2 1 
ATOM   459 N N   . GLU A 1 64 ? 1.521   8.485   4.964   1.00 5.23  ? 64  GLU A N   1 
ATOM   460 C CA  . GLU A 1 64 ? 0.609   9.374   5.701   1.00 6.66  ? 64  GLU A CA  1 
ATOM   461 C C   . GLU A 1 64 ? 0.081   8.701   6.958   1.00 5.86  ? 64  GLU A C   1 
ATOM   462 O O   . GLU A 1 64 ? -0.033  9.347   8.015   1.00 5.37  ? 64  GLU A O   1 
ATOM   463 C CB  . GLU A 1 64 ? -0.503  9.860   4.786   1.00 8.12  ? 64  GLU A CB  1 
ATOM   464 C CG  . GLU A 1 64 ? -0.019  10.867  3.743   1.00 12.09 ? 64  GLU A CG  1 
ATOM   465 C CD  . GLU A 1 64 ? 0.677   12.081  4.365   1.00 19.41 ? 64  GLU A CD  1 
ATOM   466 O OE1 . GLU A 1 64 ? 0.167   12.639  5.357   1.00 22.34 ? 64  GLU A OE1 1 
ATOM   467 O OE2 . GLU A 1 64 ? 1.747   12.489  3.861   1.00 24.24 ? 64  GLU A OE2 1 
ATOM   468 N N   . VAL A 1 65 ? -0.208  7.408   6.865   1.00 4.87  ? 65  VAL A N   1 
ATOM   469 C CA  . VAL A 1 65 ? -0.662  6.634   8.025   1.00 5.01  ? 65  VAL A CA  1 
ATOM   470 C C   . VAL A 1 65 ? 0.415   6.609   9.087   1.00 5.00  ? 65  VAL A C   1 
ATOM   471 O O   . VAL A 1 65 ? 0.114   6.881   10.243  1.00 5.49  ? 65  VAL A O   1 
ATOM   472 C CB  . VAL A 1 65 ? -1.035  5.184   7.638   1.00 4.92  ? 65  VAL A CB  1 
ATOM   473 C CG1 . VAL A 1 65 ? -1.241  4.294   8.894   1.00 7.04  ? 65  VAL A CG1 1 
ATOM   474 C CG2 . VAL A 1 65 ? -2.298  5.169   6.806   1.00 6.04  ? 65  VAL A CG2 1 
ATOM   475 N N   . ALA A 1 66 ? 1.663   6.348   8.696   1.00 5.53  ? 66  ALA A N   1 
ATOM   476 C CA  . ALA A 1 66 ? 2.760   6.332   9.652   1.00 5.78  ? 66  ALA A CA  1 
ATOM   477 C C   . ALA A 1 66 ? 2.891   7.686   10.343  1.00 5.42  ? 66  ALA A C   1 
ATOM   478 O O   . ALA A 1 66 ? 3.095   7.751   11.596  1.00 5.01  ? 66  ALA A O   1 
ATOM   479 C CB  . ALA A 1 66 ? 4.055   5.927   8.945   1.00 5.17  ? 66  ALA A CB  1 
ATOM   480 N N   . LYS A 1 67 ? 2.742   8.771   9.571   1.00 5.69  ? 67  LYS A N   1 
ATOM   481 C CA  . LYS A 1 67 ? 2.863   10.139  10.131  1.00 6.13  ? 67  LYS A CA  1 
ATOM   482 C C   . LYS A 1 67 ? 1.722   10.404  11.145  1.00 5.52  ? 67  LYS A C   1 
ATOM   483 O O   . LYS A 1 67 ? 1.944   10.980  12.223  1.00 5.79  ? 67  LYS A O   1 
ATOM   484 C CB  . LYS A 1 67 ? 2.875   11.200  9.004   1.00 6.92  ? 67  LYS A CB  1 
ATOM   485 C CG  . LYS A 1 67 ? 2.930   12.665  9.509   1.00 12.21 ? 67  LYS A CG  1 
ATOM   486 C CD  . LYS A 1 67 ? 2.425   13.644  8.448   1.00 17.88 ? 67  LYS A CD  1 
ATOM   487 C CE  . LYS A 1 67 ? 3.097   15.017  8.547   1.00 19.83 ? 67  LYS A CE  1 
ATOM   488 N NZ  . LYS A 1 67 ? 3.191   15.656  7.192   1.00 23.18 ? 67  LYS A NZ  1 
ATOM   489 N N   . ASN A 1 68 ? 0.515   9.977   10.807  1.00 4.83  ? 68  ASN A N   1 
ATOM   490 C CA  . ASN A 1 68 ? -0.634  10.196  11.667  1.00 5.64  ? 68  ASN A CA  1 
ATOM   491 C C   . ASN A 1 68 ? -0.482  9.474   12.990  1.00 5.11  ? 68  ASN A C   1 
ATOM   492 O O   . ASN A 1 68 ? -0.770  10.031  14.046  1.00 4.91  ? 68  ASN A O   1 
ATOM   493 C CB  . ASN A 1 68 ? -1.912  9.706   10.990  1.00 6.96  ? 68  ASN A CB  1 
ATOM   494 C CG  . ASN A 1 68 ? -2.338  10.564  9.823   1.00 10.00 ? 68  ASN A CG  1 
ATOM   495 O OD1 . ASN A 1 68 ? -1.929  11.710  9.707   1.00 16.66 ? 68  ASN A OD1 1 
ATOM   496 N ND2 . ASN A 1 68 ? -3.159  10.001  8.949   1.00 12.45 ? 68  ASN A ND2 1 
ATOM   497 N N   . LEU A 1 69 ? -0.033  8.224   12.938  1.00 4.44  ? 69  LEU A N   1 
ATOM   498 C CA  . LEU A 1 69 ? 0.187   7.433   14.141  1.00 5.49  ? 69  LEU A CA  1 
ATOM   499 C C   . LEU A 1 69 ? 1.239   8.070   15.020  1.00 5.49  ? 69  LEU A C   1 
ATOM   500 O O   . LEU A 1 69 ? 1.047   8.205   16.220  1.00 5.70  ? 69  LEU A O   1 
ATOM   501 C CB  . LEU A 1 69 ? 0.556   5.984   13.793  1.00 5.68  ? 69  LEU A CB  1 
ATOM   502 C CG  . LEU A 1 69 ? -0.600  5.166   13.246  1.00 6.11  ? 69  LEU A CG  1 
ATOM   503 C CD1 . LEU A 1 69 ? -0.134  3.851   12.602  1.00 8.00  ? 69  LEU A CD1 1 
ATOM   504 C CD2 . LEU A 1 69 ? -1.632  4.876   14.276  1.00 5.71  ? 69  LEU A CD2 1 
ATOM   505 N N   . ASN A 1 70 ? 2.351   8.476   14.426  1.00 5.79  ? 70  ASN A N   1 
ATOM   506 C CA  . ASN A 1 70 ? 3.399   9.096   15.223  1.00 6.89  ? 70  ASN A CA  1 
ATOM   507 C C   . ASN A 1 70 ? 2.939   10.413  15.857  1.00 7.11  ? 70  ASN A C   1 
ATOM   508 O O   . ASN A 1 70 ? 3.206   10.678  17.046  1.00 6.91  ? 70  ASN A O   1 
ATOM   509 C CB  . ASN A 1 70 ? 4.598   9.320   14.318  1.00 6.90  ? 70  ASN A CB  1 
ATOM   510 C CG  . ASN A 1 70 ? 5.782   9.840   15.068  1.00 8.66  ? 70  ASN A CG  1 
ATOM   511 O OD1 . ASN A 1 70 ? 6.304   9.164   15.937  1.00 13.65 ? 70  ASN A OD1 1 
ATOM   512 N ND2 . ASN A 1 70 ? 6.157   11.073  14.795  1.00 10.99 ? 70  ASN A ND2 1 
ATOM   513 N N   . GLU A 1 71 ? 2.242   11.238  15.084  1.00 7.57  ? 71  GLU A N   1 
ATOM   514 C CA  . GLU A 1 71 ? 1.767   12.552  15.546  1.00 8.77  ? 71  GLU A CA  1 
ATOM   515 C C   . GLU A 1 71 ? 0.806   12.407  16.724  1.00 8.14  ? 71  GLU A C   1 
ATOM   516 O O   . GLU A 1 71 ? 0.760   13.263  17.613  1.00 7.34  ? 71  GLU A O   1 
ATOM   517 C CB  . GLU A 1 71 ? 1.038   13.295  14.416  1.00 10.43 ? 71  GLU A CB  1 
ATOM   518 C CG  . GLU A 1 71 ? 1.914   13.920  13.335  1.00 16.03 ? 71  GLU A CG  1 
ATOM   519 C CD  . GLU A 1 71 ? 1.134   14.881  12.444  1.00 21.63 ? 71  GLU A CD  1 
ATOM   520 O OE1 . GLU A 1 71 ? 0.043   15.355  12.860  1.00 26.05 ? 71  GLU A OE1 1 
ATOM   521 O OE2 . GLU A 1 71 ? 1.613   15.178  11.330  1.00 26.48 ? 71  GLU A OE2 1 
ATOM   522 N N   . SER A 1 72 ? 0.045   11.314  16.743  1.00 7.43  ? 72  SER A N   1 
ATOM   523 C CA  . SER A 1 72 ? -0.937  11.074  17.796  1.00 7.90  ? 72  SER A CA  1 
ATOM   524 C C   . SER A 1 72 ? -0.304  10.943  19.174  1.00 8.05  ? 72  SER A C   1 
ATOM   525 O O   . SER A 1 72 ? -0.951  11.211  20.172  1.00 8.70  ? 72  SER A O   1 
ATOM   526 C CB  . SER A 1 72 ? -1.809  9.853   17.464  1.00 7.90  ? 72  SER A CB  1 
ATOM   527 O OG  . SER A 1 72 ? -1.133  8.621   17.688  1.00 8.64  ? 72  SER A OG  1 
ATOM   528 N N   . LEU A 1 73 ? 0.953   10.520  19.239  1.00 8.48  ? 73  LEU A N   1 
ATOM   529 C CA  . LEU A 1 73 ? 1.637   10.479  20.532  1.00 9.84  ? 73  LEU A CA  1 
ATOM   530 C C   . LEU A 1 73 ? 2.224   11.820  20.929  1.00 10.02 ? 73  LEU A C   1 
ATOM   531 O O   . LEU A 1 73 ? 2.397   12.113  22.109  1.00 10.38 ? 73  LEU A O   1 
ATOM   532 C CB  . LEU A 1 73 ? 2.715   9.418   20.537  1.00 9.82  ? 73  LEU A CB  1 
ATOM   533 C CG  . LEU A 1 73 ? 2.122   8.019   20.302  1.00 10.84 ? 73  LEU A CG  1 
ATOM   534 C CD1 . LEU A 1 73 ? 3.232   7.025   20.044  1.00 13.10 ? 73  LEU A CD1 1 
ATOM   535 C CD2 . LEU A 1 73 ? 1.224   7.577   21.471  1.00 11.57 ? 73  LEU A CD2 1 
ATOM   536 N N   . ILE A 1 74 ? 2.526   12.645  19.943  1.00 10.08 ? 74  ILE A N   1 
ATOM   537 C CA  . ILE A 1 74 ? 3.181   13.922  20.243  1.00 10.17 ? 74  ILE A CA  1 
ATOM   538 C C   . ILE A 1 74 ? 2.200   15.087  20.433  1.00 11.55 ? 74  ILE A C   1 
ATOM   539 O O   . ILE A 1 74 ? 2.179   15.705  21.496  1.00 11.20 ? 74  ILE A O   1 
ATOM   540 C CB  . ILE A 1 74 ? 4.213   14.233  19.127  1.00 8.79  ? 74  ILE A CB  1 
ATOM   541 C CG1 . ILE A 1 74 ? 5.292   13.139  19.106  1.00 8.13  ? 74  ILE A CG1 1 
ATOM   542 C CG2 . ILE A 1 74 ? 4.860   15.602  19.376  1.00 8.54  ? 74  ILE A CG2 1 
ATOM   543 C CD1 . ILE A 1 74 ? 6.109   13.086  17.839  1.00 7.32  ? 74  ILE A CD1 1 
ATOM   544 N N   . ASP A 1 75 ? 1.415   15.397  19.398  1.00 13.98 ? 75  ASP A N   1 
ATOM   545 C CA  . ASP A 1 75 ? 0.428   16.480  19.447  1.00 16.31 ? 75  ASP A CA  1 
ATOM   546 C C   . ASP A 1 75 ? -0.706  16.206  18.460  1.00 17.51 ? 75  ASP A C   1 
ATOM   547 O O   . ASP A 1 75 ? -1.723  15.615  18.830  1.00 18.92 ? 75  ASP A O   1 
ATOM   548 C CB  . ASP A 1 75 ? 1.083   17.838  19.151  1.00 16.76 ? 75  ASP A CB  1 
ATOM   549 C CG  . ASP A 1 75 ? 0.376   18.997  19.845  1.00 18.76 ? 75  ASP A CG  1 
ATOM   550 O OD1 . ASP A 1 75 ? 0.096   18.910  21.064  1.00 21.40 ? 75  ASP A OD1 1 
ATOM   551 O OD2 . ASP A 1 75 ? 0.060   20.046  19.246  1.00 21.21 ? 75  ASP A OD2 1 
HETATM 552 O O   . HOH B 2 .  ? -4.152  3.257   -12.150 1.00 13.11 ? 78  HOH A O   1 
HETATM 553 O O   . HOH B 2 .  ? 4.885   9.215   -5.540  1.00 12.41 ? 79  HOH A O   1 
HETATM 554 O O   . HOH B 2 .  ? 3.781   12.212  -3.904  1.00 13.09 ? 80  HOH A O   1 
HETATM 555 O O   . HOH B 2 .  ? 6.493   5.012   -11.213 1.00 13.67 ? 81  HOH A O   1 
HETATM 556 O O   . HOH B 2 .  ? 4.757   -15.723 -13.413 1.00 19.38 ? 82  HOH A O   1 
HETATM 557 O O   . HOH B 2 .  ? -12.648 7.338   21.833  1.00 24.18 ? 83  HOH A O   1 
HETATM 558 O O   . HOH B 2 .  ? 7.820   -13.111 -8.670  1.00 20.55 ? 84  HOH A O   1 
HETATM 559 O O   . HOH B 2 .  ? -3.290  4.553   -14.606 1.00 22.02 ? 85  HOH A O   1 
HETATM 560 O O   . HOH B 2 .  ? 3.527   -13.707 -8.284  1.00 19.86 ? 86  HOH A O   1 
HETATM 561 O O   . HOH B 2 .  ? -4.595  2.540   -4.197  1.00 26.57 ? 87  HOH A O   1 
HETATM 562 O O   . HOH B 2 .  ? -2.429  12.207  14.381  1.00 31.26 ? 88  HOH A O   1 
HETATM 563 O O   . HOH B 2 .  ? -5.535  5.616   -9.073  1.00 19.50 ? 89  HOH A O   1 
HETATM 564 O O   . HOH B 2 .  ? 5.449   2.693   -15.219 1.00 26.13 ? 90  HOH A O   1 
HETATM 565 O O   . HOH B 2 .  ? 0.028   -8.344  -17.200 1.00 23.44 ? 91  HOH A O   1 
HETATM 566 O O   . HOH B 2 .  ? 5.390   6.625   -4.204  1.00 20.64 ? 92  HOH A O   1 
HETATM 567 O O   . HOH B 2 .  ? 12.284  -12.766 -20.515 1.00 28.10 ? 93  HOH A O   1 
HETATM 568 O O   . HOH B 2 .  ? -6.017  -7.956  -2.210  1.00 21.23 ? 94  HOH A O   1 
HETATM 569 O O   . HOH B 2 .  ? 2.999   10.740  2.127   1.00 25.96 ? 95  HOH A O   1 
HETATM 570 O O   . HOH B 2 .  ? -4.249  -2.615  -13.703 1.00 21.83 ? 96  HOH A O   1 
HETATM 571 O O   . HOH B 2 .  ? -6.025  -1.157  -11.813 1.00 21.89 ? 97  HOH A O   1 
HETATM 572 O O   . HOH B 2 .  ? 6.874   9.687   -2.629  1.00 24.95 ? 98  HOH A O   1 
HETATM 573 O O   . HOH B 2 .  ? 3.831   -11.988 -17.917 1.00 27.60 ? 99  HOH A O   1 
HETATM 574 O O   . HOH B 2 .  ? -5.108  -6.279  4.447   1.00 34.69 ? 100 HOH A O   1 
HETATM 575 O O   . HOH B 2 .  ? -4.924  -9.961  -3.656  0.50 16.95 ? 101 HOH A O   1 
HETATM 576 O O   . HOH B 2 .  ? -4.221  -7.972  2.326   1.00 29.05 ? 102 HOH A O   1 
HETATM 577 O O   . HOH B 2 .  ? -5.578  -4.505  -8.237  1.00 23.34 ? 103 HOH A O   1 
HETATM 578 O O   . HOH B 2 .  ? -1.836  -6.355  -14.788 1.00 32.93 ? 104 HOH A O   1 
HETATM 579 O O   . HOH B 2 .  ? -5.987  4.068   -1.345  1.00 22.66 ? 105 HOH A O   1 
HETATM 580 O O   . HOH B 2 .  ? -3.218  -4.956  -12.616 1.00 25.69 ? 106 HOH A O   1 
HETATM 581 O O   . HOH B 2 .  ? -6.177  -9.033  0.257   0.50 19.95 ? 107 HOH A O   1 
HETATM 582 O O   . HOH B 2 .  ? -3.341  7.561   4.104   1.00 23.14 ? 108 HOH A O   1 
HETATM 583 O O   . HOH B 2 .  ? -0.675  -5.295  -24.044 1.00 25.25 ? 109 HOH A O   1 
HETATM 584 O O   . HOH B 2 .  ? -4.166  -6.060  -10.097 1.00 27.39 ? 110 HOH A O   1 
HETATM 585 O O   . HOH B 2 .  ? 9.708   -22.065 -18.971 1.00 30.78 ? 111 HOH A O   1 
HETATM 586 O O   . HOH B 2 .  ? 0.587   -9.707  -14.407 1.00 30.80 ? 112 HOH A O   1 
HETATM 587 O O   . HOH B 2 .  ? 5.615   -24.155 -19.192 1.00 28.19 ? 113 HOH A O   1 
HETATM 588 O O   . HOH B 2 .  ? 5.142   0.205   -16.359 1.00 27.34 ? 114 HOH A O   1 
HETATM 589 O O   . HOH B 2 .  ? -5.703  -0.510  -6.835  1.00 28.09 ? 115 HOH A O   1 
HETATM 590 O O   . HOH B 2 .  ? -2.799  7.449   -14.116 1.00 25.76 ? 116 HOH A O   1 
HETATM 591 O O   . HOH B 2 .  ? 0.907   4.266   -16.294 1.00 31.08 ? 117 HOH A O   1 
HETATM 592 O O   . HOH B 2 .  ? 11.018  -20.498 -17.004 1.00 29.25 ? 118 HOH A O   1 
HETATM 593 O O   . HOH B 2 .  ? 9.274   4.558   -7.287  1.00 30.01 ? 119 HOH A O   1 
HETATM 594 O O   . HOH B 2 .  ? -7.524  -3.454  -5.036  1.00 33.29 ? 120 HOH A O   1 
HETATM 595 O O   . HOH B 2 .  ? -1.719  3.543   -16.546 1.00 35.85 ? 121 HOH A O   1 
HETATM 596 O O   . HOH B 2 .  ? -4.052  -9.475  -8.207  1.00 29.65 ? 122 HOH A O   1 
HETATM 597 O O   . HOH B 2 .  ? 3.473   -7.151  -23.134 1.00 30.36 ? 123 HOH A O   1 
HETATM 598 O O   . HOH B 2 .  ? 1.527   -9.171  -4.071  1.00 26.34 ? 124 HOH A O   1 
HETATM 599 O O   . HOH B 2 .  ? -11.251 -2.804  2.381   1.00 34.55 ? 125 HOH A O   1 
HETATM 600 O O   . HOH B 2 .  ? 0.970   -13.394 -8.539  1.00 27.35 ? 126 HOH A O   1 
HETATM 601 O O   . HOH B 2 .  ? 2.288   -12.857 -15.345 1.00 34.15 ? 127 HOH A O   1 
HETATM 602 O O   . HOH B 2 .  ? -7.857  1.278   24.466  1.00 32.22 ? 128 HOH A O   1 
HETATM 603 O O   . HOH B 2 .  ? 6.008   8.532   0.652   1.00 24.36 ? 129 HOH A O   1 
HETATM 604 O O   . HOH B 2 .  ? -2.272  14.096  16.335  1.00 32.74 ? 130 HOH A O   1 
HETATM 605 O O   . HOH B 2 .  ? -10.157 -1.043  12.835  1.00 32.77 ? 131 HOH A O   1 
HETATM 606 O O   . HOH B 2 .  ? 2.297   -16.131 -16.848 1.00 29.53 ? 132 HOH A O   1 
HETATM 607 O O   . HOH B 2 .  ? -3.996  9.261   -10.989 1.00 34.56 ? 133 HOH A O   1 
HETATM 608 O O   . HOH B 2 .  ? -10.555 -1.642  6.146   1.00 34.99 ? 134 HOH A O   1 
HETATM 609 O O   . HOH B 2 .  ? -3.899  12.264  22.955  1.00 42.34 ? 135 HOH A O   1 
HETATM 610 O O   . HOH B 2 .  ? 12.815  -20.031 -20.070 1.00 38.04 ? 136 HOH A O   1 
HETATM 611 O O   . HOH B 2 .  ? 7.784   5.737   -3.169  1.00 33.53 ? 137 HOH A O   1 
HETATM 612 O O   . HOH B 2 .  ? -3.557  11.208  20.517  1.00 35.33 ? 138 HOH A O   1 
HETATM 613 O O   . HOH B 2 .  ? -5.093  10.731  -6.930  1.00 29.45 ? 139 HOH A O   1 
HETATM 614 O O   . HOH B 2 .  ? 5.918   7.066   11.955  1.00 37.16 ? 140 HOH A O   1 
HETATM 615 O O   . HOH B 2 .  ? 2.375   -0.755  -21.366 1.00 44.92 ? 141 HOH A O   1 
HETATM 616 O O   . HOH B 2 .  ? -12.528 3.868   18.104  1.00 32.94 ? 142 HOH A O   1 
HETATM 617 O O   . HOH B 2 .  ? -10.272 4.793   7.957   1.00 36.21 ? 143 HOH A O   1 
HETATM 618 O O   . HOH B 2 .  ? -10.576 2.199   4.259   1.00 35.49 ? 144 HOH A O   1 
HETATM 619 O O   . HOH B 2 .  ? -13.028 5.602   14.632  1.00 34.56 ? 145 HOH A O   1 
HETATM 620 O O   . HOH B 2 .  ? -12.118 7.391   26.445  1.00 41.15 ? 146 HOH A O   1 
HETATM 621 O O   . HOH B 2 .  ? 0.824   7.469   -8.904  1.00 25.00 ? 147 HOH A O   1 
HETATM 622 O O   . HOH B 2 .  ? -2.045  -11.313 -4.653  1.00 41.16 ? 148 HOH A O   1 
HETATM 623 O O   . HOH B 2 .  ? -13.865 -0.321  13.406  1.00 39.87 ? 149 HOH A O   1 
HETATM 624 O O   . HOH B 2 .  ? 3.242   3.812   -14.276 1.00 23.12 ? 150 HOH A O   1 
HETATM 625 O O   . HOH B 2 .  ? -6.237  -1.646  -9.207  1.00 30.55 ? 151 HOH A O   1 
HETATM 626 O O   . HOH B 2 .  ? -0.411  12.464  7.724   1.00 33.57 ? 152 HOH A O   1 
HETATM 627 O O   . HOH B 2 .  ? -7.838  0.495   -6.428  1.00 37.09 ? 153 HOH A O   1 
# 
loop_
_pdbx_poly_seq_scheme.asym_id 
_pdbx_poly_seq_scheme.entity_id 
_pdbx_poly_seq_scheme.seq_id 
_pdbx_poly_seq_scheme.mon_id 
_pdbx_poly_seq_scheme.ndb_seq_num 
_pdbx_poly_seq_scheme.pdb_seq_num 
_pdbx_poly_seq_scheme.auth_seq_num 
_pdbx_poly_seq_scheme.pdb_mon_id 
_pdbx_poly_seq_scheme.auth_mon_id 
_pdbx_poly_seq_scheme.pdb_strand_id 
_pdbx_poly_seq_scheme.pdb_ins_code 
_pdbx_poly_seq_scheme.hetero 
A 1 1  ALA 1  1  1  ALA ALA A . n 
A 1 2  LEU 2  2  2  LEU LEU A . n 
A 1 3  GLY 3  3  3  GLY GLY A . n 
A 1 4  LYS 4  4  4  LYS LYS A . n 
A 1 5  LEU 5  5  5  LEU LEU A . n 
A 1 6  GLN 6  6  6  GLN GLN A . n 
A 1 7  ASP 7  7  7  ASP ASP A . n 
A 1 8  VAL 8  8  8  VAL VAL A . n 
A 1 9  VAL 9  9  9  VAL VAL A . n 
A 1 10 ASN 10 10 10 ASN ASN A . n 
A 1 11 GLN 11 11 11 GLN GLN A . n 
A 1 12 ASN 12 12 12 ASN ASN A . n 
A 1 13 ALA 13 13 13 ALA ALA A . n 
A 1 14 GLN 14 14 14 GLN GLN A . n 
A 1 15 ALA 15 15 15 ALA ALA A . n 
A 1 16 LEU 16 16 16 LEU LEU A . n 
A 1 17 ASN 17 17 17 ASN ASN A . n 
A 1 18 THR 18 18 18 THR THR A . n 
A 1 19 LEU 19 19 19 LEU LEU A . n 
A 1 20 VAL 20 20 20 VAL VAL A . n 
A 1 21 LYS 21 21 21 LYS LYS A . n 
A 1 22 GLN 22 22 22 GLN GLN A . n 
A 1 23 LEU 23 23 23 LEU LEU A . n 
A 1 24 SER 24 24 24 SER SER A . n 
A 1 25 SER 25 25 25 SER SER A . n 
A 1 26 ASN 26 26 26 ASN ASN A . n 
A 1 27 PHE 27 27 27 PHE PHE A . n 
A 1 28 GLY 28 28 28 GLY GLY A . n 
A 1 29 ALA 29 29 29 ALA ALA A . n 
A 1 30 ILE 30 30 30 ILE ILE A . n 
A 1 31 SER 31 31 31 SER SER A . n 
A 1 32 SER 32 32 32 SER SER A . n 
A 1 33 VAL 33 33 33 VAL VAL A . n 
A 1 34 LEU 34 34 34 LEU LEU A . n 
A 1 35 ASN 35 35 35 ASN ASN A . n 
A 1 36 ASP 36 36 36 ASP ASP A . n 
A 1 37 ILE 37 37 37 ILE ILE A . n 
A 1 38 SER 38 38 38 SER SER A . n 
A 1 39 GLY 39 39 39 GLY GLY A . n 
A 1 40 GLY 40 40 40 GLY GLY A . n 
A 1 41 ARG 41 41 41 ARG ARG A . n 
A 1 42 GLY 42 42 42 GLY GLY A . n 
A 1 43 GLY 43 43 43 GLY GLY A . n 
A 1 44 ASP 44 44 44 ASP ASP A . n 
A 1 45 ILE 45 45 45 ILE ILE A . n 
A 1 46 SER 46 46 46 SER SER A . n 
A 1 47 GLY 47 47 47 GLY GLY A . n 
A 1 48 ILE 48 48 48 ILE ILE A . n 
A 1 49 ASN 49 49 49 ASN ASN A . n 
A 1 50 ALA 50 50 50 ALA ALA A . n 
A 1 51 SER 51 51 51 SER SER A . n 
A 1 52 VAL 52 52 52 VAL VAL A . n 
A 1 53 VAL 53 53 53 VAL VAL A . n 
A 1 54 ASN 54 54 54 ASN ASN A . n 
A 1 55 ILE 55 55 55 ILE ILE A . n 
A 1 56 GLN 56 56 56 GLN GLN A . n 
A 1 57 LYS 57 57 57 LYS LYS A . n 
A 1 58 GLU 58 58 58 GLU GLU A . n 
A 1 59 ILE 59 59 59 ILE ILE A . n 
A 1 60 ASP 60 60 60 ASP ASP A . n 
A 1 61 ARG 61 61 61 ARG ARG A . n 
A 1 62 LEU 62 62 62 LEU LEU A . n 
A 1 63 ASN 63 63 63 ASN ASN A . n 
A 1 64 GLU 64 64 64 GLU GLU A . n 
A 1 65 VAL 65 65 65 VAL VAL A . n 
A 1 66 ALA 66 66 66 ALA ALA A . n 
A 1 67 LYS 67 67 67 LYS LYS A . n 
A 1 68 ASN 68 68 68 ASN ASN A . n 
A 1 69 LEU 69 69 69 LEU LEU A . n 
A 1 70 ASN 70 70 70 ASN ASN A . n 
A 1 71 GLU 71 71 71 GLU GLU A . n 
A 1 72 SER 72 72 72 SER SER A . n 
A 1 73 LEU 73 73 73 LEU LEU A . n 
A 1 74 ILE 74 74 74 ILE ILE A . n 
A 1 75 ASP 75 75 75 ASP ASP A . n 
A 1 76 LEU 76 76 ?  ?   ?   A . n 
A 1 77 GLN 77 77 ?  ?   ?   A . n 
# 
loop_
_pdbx_nonpoly_scheme.asym_id 
_pdbx_nonpoly_scheme.entity_id 
_pdbx_nonpoly_scheme.mon_id 
_pdbx_nonpoly_scheme.ndb_seq_num 
_pdbx_nonpoly_scheme.pdb_seq_num 
_pdbx_nonpoly_scheme.auth_seq_num 
_pdbx_nonpoly_scheme.pdb_mon_id 
_pdbx_nonpoly_scheme.auth_mon_id 
_pdbx_nonpoly_scheme.pdb_strand_id 
_pdbx_nonpoly_scheme.pdb_ins_code 
B 2 HOH 1  78  1  HOH HOH A . 
B 2 HOH 2  79  2  HOH HOH A . 
B 2 HOH 3  80  3  HOH HOH A . 
B 2 HOH 4  81  4  HOH HOH A . 
B 2 HOH 5  82  5  HOH HOH A . 
B 2 HOH 6  83  6  HOH HOH A . 
B 2 HOH 7  84  7  HOH HOH A . 
B 2 HOH 8  85  8  HOH HOH A . 
B 2 HOH 9  86  9  HOH HOH A . 
B 2 HOH 10 87  10 HOH HOH A . 
B 2 HOH 11 88  11 HOH HOH A . 
B 2 HOH 12 89  12 HOH HOH A . 
B 2 HOH 13 90  13 HOH HOH A . 
B 2 HOH 14 91  14 HOH HOH A . 
B 2 HOH 15 92  15 HOH HOH A . 
B 2 HOH 16 93  16 HOH HOH A . 
B 2 HOH 17 94  17 HOH HOH A . 
B 2 HOH 18 95  18 HOH HOH A . 
B 2 HOH 19 96  19 HOH HOH A . 
B 2 HOH 20 97  20 HOH HOH A . 
B 2 HOH 21 98  21 HOH HOH A . 
B 2 HOH 22 99  22 HOH HOH A . 
B 2 HOH 23 100 23 HOH HOH A . 
B 2 HOH 24 101 24 HOH HOH A . 
B 2 HOH 25 102 25 HOH HOH A . 
B 2 HOH 26 103 26 HOH HOH A . 
B 2 HOH 27 104 27 HOH HOH A . 
B 2 HOH 28 105 28 HOH HOH A . 
B 2 HOH 29 106 29 HOH HOH A . 
B 2 HOH 30 107 30 HOH HOH A . 
B 2 HOH 31 108 31 HOH HOH A . 
B 2 HOH 32 109 32 HOH HOH A . 
B 2 HOH 33 110 33 HOH HOH A . 
B 2 HOH 34 111 34 HOH HOH A . 
B 2 HOH 35 112 35 HOH HOH A . 
B 2 HOH 36 113 36 HOH HOH A . 
B 2 HOH 37 114 37 HOH HOH A . 
B 2 HOH 38 115 38 HOH HOH A . 
B 2 HOH 39 116 39 HOH HOH A . 
B 2 HOH 40 117 40 HOH HOH A . 
B 2 HOH 41 118 41 HOH HOH A . 
B 2 HOH 42 119 42 HOH HOH A . 
B 2 HOH 43 120 43 HOH HOH A . 
B 2 HOH 44 121 44 HOH HOH A . 
B 2 HOH 45 122 45 HOH HOH A . 
B 2 HOH 46 123 46 HOH HOH A . 
B 2 HOH 47 124 47 HOH HOH A . 
B 2 HOH 48 125 48 HOH HOH A . 
B 2 HOH 49 126 49 HOH HOH A . 
B 2 HOH 50 127 50 HOH HOH A . 
B 2 HOH 51 128 51 HOH HOH A . 
B 2 HOH 52 129 52 HOH HOH A . 
B 2 HOH 53 130 53 HOH HOH A . 
B 2 HOH 54 131 54 HOH HOH A . 
B 2 HOH 55 132 55 HOH HOH A . 
B 2 HOH 56 133 56 HOH HOH A . 
B 2 HOH 57 134 57 HOH HOH A . 
B 2 HOH 58 135 58 HOH HOH A . 
B 2 HOH 59 136 59 HOH HOH A . 
B 2 HOH 60 137 60 HOH HOH A . 
B 2 HOH 61 138 61 HOH HOH A . 
B 2 HOH 62 139 62 HOH HOH A . 
B 2 HOH 63 140 63 HOH HOH A . 
B 2 HOH 64 141 64 HOH HOH A . 
B 2 HOH 65 142 65 HOH HOH A . 
B 2 HOH 66 143 66 HOH HOH A . 
B 2 HOH 67 144 67 HOH HOH A . 
B 2 HOH 68 145 68 HOH HOH A . 
B 2 HOH 69 146 69 HOH HOH A . 
B 2 HOH 70 147 70 HOH HOH A . 
B 2 HOH 71 148 71 HOH HOH A . 
B 2 HOH 72 149 72 HOH HOH A . 
B 2 HOH 73 150 73 HOH HOH A . 
B 2 HOH 74 151 74 HOH HOH A . 
B 2 HOH 75 152 75 HOH HOH A . 
B 2 HOH 76 153 76 HOH HOH A . 
# 
_pdbx_struct_assembly.id                   1 
_pdbx_struct_assembly.details              author_and_software_defined_assembly 
_pdbx_struct_assembly.method_details       PISA,PQS 
_pdbx_struct_assembly.oligomeric_details   dimeric 
_pdbx_struct_assembly.oligomeric_count     2 
# 
_pdbx_struct_assembly_gen.assembly_id       1 
_pdbx_struct_assembly_gen.oper_expression   1,2 
_pdbx_struct_assembly_gen.asym_id_list      A,B 
# 
loop_
_pdbx_struct_assembly_prop.biol_id 
_pdbx_struct_assembly_prop.type 
_pdbx_struct_assembly_prop.value 
_pdbx_struct_assembly_prop.details 
1 'ABSA (A^2)' 2930 ? 
1 MORE         -36  ? 
1 'SSA (A^2)'  8370 ? 
# 
loop_
_pdbx_struct_oper_list.id 
_pdbx_struct_oper_list.type 
_pdbx_struct_oper_list.name 
_pdbx_struct_oper_list.symmetry_operation 
_pdbx_struct_oper_list.matrix[1][1] 
_pdbx_struct_oper_list.matrix[1][2] 
_pdbx_struct_oper_list.matrix[1][3] 
_pdbx_struct_oper_list.vector[1] 
_pdbx_struct_oper_list.matrix[2][1] 
_pdbx_struct_oper_list.matrix[2][2] 
_pdbx_struct_oper_list.matrix[2][3] 
_pdbx_struct_oper_list.vector[2] 
_pdbx_struct_oper_list.matrix[3][1] 
_pdbx_struct_oper_list.matrix[3][2] 
_pdbx_struct_oper_list.matrix[3][3] 
_pdbx_struct_oper_list.vector[3] 
1 'identity operation'         1_555 x,y,z         1.0000000000  0.0000000000  0.0000000000  0.0000000000 0.0000000000  1.0000000000  0.0000000000 0.0000000000  0.0000000000  0.0000000000 1.0000000000 0.0000000000 
2 'crystal symmetry operation' 3_655 -x+1,y,-z+1/2 -0.7949513498 -0.1648336962 -0.5838511831 6.3202775947 -0.1648336962 -0.8674941416 0.4693439750 -2.3357103528 -0.5838511831 0.4693439750 0.6624454915 2.8791038005 
# 
loop_
_pdbx_audit_revision_history.ordinal 
_pdbx_audit_revision_history.data_content_type 
_pdbx_audit_revision_history.major_revision 
_pdbx_audit_revision_history.minor_revision 
_pdbx_audit_revision_history.revision_date 
1 'Structure model' 1 0 2006-05-16 
2 'Structure model' 1 1 2008-04-30 
3 'Structure model' 1 2 2011-07-13 
4 'Structure model' 1 3 2017-08-16 
5 'Structure model' 1 4 2023-08-23 
# 
_pdbx_audit_revision_details.ordinal             1 
_pdbx_audit_revision_details.revision_ordinal    1 
_pdbx_audit_revision_details.data_content_type   'Structure model' 
_pdbx_audit_revision_details.provider            repository 
_pdbx_audit_revision_details.type                'Initial release' 
_pdbx_audit_revision_details.description         ? 
_pdbx_audit_revision_details.details             ? 
# 
loop_
_pdbx_audit_revision_group.ordinal 
_pdbx_audit_revision_group.revision_ordinal 
_pdbx_audit_revision_group.data_content_type 
_pdbx_audit_revision_group.group 
1 2 'Structure model' 'Version format compliance' 
2 3 'Structure model' Advisory                    
3 3 'Structure model' 'Derived calculations'      
4 3 'Structure model' 'Version format compliance' 
5 4 'Structure model' 'Source and taxonomy'       
6 5 'Structure model' 'Data collection'           
7 5 'Structure model' 'Database references'       
8 5 'Structure model' 'Refinement description'    
# 
loop_
_pdbx_audit_revision_category.ordinal 
_pdbx_audit_revision_category.revision_ordinal 
_pdbx_audit_revision_category.data_content_type 
_pdbx_audit_revision_category.category 
1 4 'Structure model' entity_src_gen                
2 5 'Structure model' chem_comp_atom                
3 5 'Structure model' chem_comp_bond                
4 5 'Structure model' database_2                    
5 5 'Structure model' pdbx_initial_refinement_model 
# 
loop_
_pdbx_audit_revision_item.ordinal 
_pdbx_audit_revision_item.revision_ordinal 
_pdbx_audit_revision_item.data_content_type 
_pdbx_audit_revision_item.item 
1 5 'Structure model' '_database_2.pdbx_DOI'                
2 5 'Structure model' '_database_2.pdbx_database_accession' 
# 
loop_
_pdbx_refine_tls.id 
_pdbx_refine_tls.details 
_pdbx_refine_tls.method 
_pdbx_refine_tls.origin_x 
_pdbx_refine_tls.origin_y 
_pdbx_refine_tls.origin_z 
_pdbx_refine_tls.T[1][1] 
_pdbx_refine_tls.T[2][2] 
_pdbx_refine_tls.T[3][3] 
_pdbx_refine_tls.T[1][2] 
_pdbx_refine_tls.T[1][3] 
_pdbx_refine_tls.T[2][3] 
_pdbx_refine_tls.L[1][1] 
_pdbx_refine_tls.L[2][2] 
_pdbx_refine_tls.L[3][3] 
_pdbx_refine_tls.L[1][2] 
_pdbx_refine_tls.L[1][3] 
_pdbx_refine_tls.L[2][3] 
_pdbx_refine_tls.S[1][1] 
_pdbx_refine_tls.S[1][2] 
_pdbx_refine_tls.S[1][3] 
_pdbx_refine_tls.S[2][1] 
_pdbx_refine_tls.S[2][2] 
_pdbx_refine_tls.S[2][3] 
_pdbx_refine_tls.S[3][1] 
_pdbx_refine_tls.S[3][2] 
_pdbx_refine_tls.S[3][3] 
_pdbx_refine_tls.pdbx_refine_id 
1 ? refined -2.6581 -1.5942 3.1697 0.0885 0.1486 0.0439 -0.0208 0.0166 0.0230 1.8833 1.1511 4.2643  -0.4363 -0.9962 1.6221 0.0699 -0.3747 -0.1225 0.0258 -0.0876 0.1253 -0.1309 -0.0733 0.0177  'X-RAY DIFFRACTION' 
2 ? refined 1.0559  5.1639  0.1783 0.0425 0.0200 0.0153 0.0024  0.0076 0.0032 1.3279 2.1945 11.5240 0.2036  0.2832  3.8919 0.0654 -0.1174 0.0473  0.0234 -0.0324 0.0335 -0.2297 0.0172  -0.0329 'X-RAY DIFFRACTION' 
# 
loop_
_pdbx_refine_tls_group.id 
_pdbx_refine_tls_group.refine_tls_id 
_pdbx_refine_tls_group.beg_auth_asym_id 
_pdbx_refine_tls_group.beg_auth_seq_id 
_pdbx_refine_tls_group.beg_label_asym_id 
_pdbx_refine_tls_group.beg_label_seq_id 
_pdbx_refine_tls_group.end_auth_asym_id 
_pdbx_refine_tls_group.end_auth_seq_id 
_pdbx_refine_tls_group.end_label_asym_id 
_pdbx_refine_tls_group.end_label_seq_id 
_pdbx_refine_tls_group.selection 
_pdbx_refine_tls_group.pdbx_refine_id 
_pdbx_refine_tls_group.selection_details 
1 1 A 1  A 1  A 37 A 37 ? 'X-RAY DIFFRACTION' ? 
2 2 A 44 A 44 A 75 A 75 ? 'X-RAY DIFFRACTION' ? 
# 
loop_
_software.name 
_software.classification 
_software.version 
_software.citation_id 
_software.pdbx_ordinal 
REFMAC    refinement       5.1.24 ? 1 
DENZO     'data reduction' .      ? 2 
SCALEPACK 'data scaling'   .      ? 3 
PHASER    phasing          .      ? 4 
# 
_pdbx_database_remark.id     999 
_pdbx_database_remark.text   
;SEQUENCE
In comparison with the protein database sequence, residues 
963-1149 have been deleted in the current entry and 
replaced with a linker sequence comprising of residues 
38-43 (SGGRGG).
;
# 
loop_
_pdbx_validate_symm_contact.id 
_pdbx_validate_symm_contact.PDB_model_num 
_pdbx_validate_symm_contact.auth_atom_id_1 
_pdbx_validate_symm_contact.auth_asym_id_1 
_pdbx_validate_symm_contact.auth_comp_id_1 
_pdbx_validate_symm_contact.auth_seq_id_1 
_pdbx_validate_symm_contact.PDB_ins_code_1 
_pdbx_validate_symm_contact.label_alt_id_1 
_pdbx_validate_symm_contact.site_symmetry_1 
_pdbx_validate_symm_contact.auth_atom_id_2 
_pdbx_validate_symm_contact.auth_asym_id_2 
_pdbx_validate_symm_contact.auth_comp_id_2 
_pdbx_validate_symm_contact.auth_seq_id_2 
_pdbx_validate_symm_contact.PDB_ins_code_2 
_pdbx_validate_symm_contact.label_alt_id_2 
_pdbx_validate_symm_contact.site_symmetry_2 
_pdbx_validate_symm_contact.dist 
1 1 O A HOH 96  ? ? 1_555 O A HOH 147 ? ? 6_555 1.97 
2 1 O A HOH 150 ? ? 1_555 O A HOH 151 ? ? 6_554 2.17 
# 
_pdbx_validate_torsion.id              1 
_pdbx_validate_torsion.PDB_model_num   1 
_pdbx_validate_torsion.auth_comp_id    ILE 
_pdbx_validate_torsion.auth_asym_id    A 
_pdbx_validate_torsion.auth_seq_id     74 
_pdbx_validate_torsion.PDB_ins_code    ? 
_pdbx_validate_torsion.label_alt_id    ? 
_pdbx_validate_torsion.phi             -92.69 
_pdbx_validate_torsion.psi             -60.51 
# 
loop_
_pdbx_unobs_or_zero_occ_residues.id 
_pdbx_unobs_or_zero_occ_residues.PDB_model_num 
_pdbx_unobs_or_zero_occ_residues.polymer_flag 
_pdbx_unobs_or_zero_occ_residues.occupancy_flag 
_pdbx_unobs_or_zero_occ_residues.auth_asym_id 
_pdbx_unobs_or_zero_occ_residues.auth_comp_id 
_pdbx_unobs_or_zero_occ_residues.auth_seq_id 
_pdbx_unobs_or_zero_occ_residues.PDB_ins_code 
_pdbx_unobs_or_zero_occ_residues.label_asym_id 
_pdbx_unobs_or_zero_occ_residues.label_comp_id 
_pdbx_unobs_or_zero_occ_residues.label_seq_id 
1 1 Y 1 A LEU 76 ? A LEU 76 
2 1 Y 1 A GLN 77 ? A GLN 77 
# 
loop_
_chem_comp_atom.comp_id 
_chem_comp_atom.atom_id 
_chem_comp_atom.type_symbol 
_chem_comp_atom.pdbx_aromatic_flag 
_chem_comp_atom.pdbx_stereo_config 
_chem_comp_atom.pdbx_ordinal 
ALA N    N N N 1   
ALA CA   C N S 2   
ALA C    C N N 3   
ALA O    O N N 4   
ALA CB   C N N 5   
ALA OXT  O N N 6   
ALA H    H N N 7   
ALA H2   H N N 8   
ALA HA   H N N 9   
ALA HB1  H N N 10  
ALA HB2  H N N 11  
ALA HB3  H N N 12  
ALA HXT  H N N 13  
ARG N    N N N 14  
ARG CA   C N S 15  
ARG C    C N N 16  
ARG O    O N N 17  
ARG CB   C N N 18  
ARG CG   C N N 19  
ARG CD   C N N 20  
ARG NE   N N N 21  
ARG CZ   C N N 22  
ARG NH1  N N N 23  
ARG NH2  N N N 24  
ARG OXT  O N N 25  
ARG H    H N N 26  
ARG H2   H N N 27  
ARG HA   H N N 28  
ARG HB2  H N N 29  
ARG HB3  H N N 30  
ARG HG2  H N N 31  
ARG HG3  H N N 32  
ARG HD2  H N N 33  
ARG HD3  H N N 34  
ARG HE   H N N 35  
ARG HH11 H N N 36  
ARG HH12 H N N 37  
ARG HH21 H N N 38  
ARG HH22 H N N 39  
ARG HXT  H N N 40  
ASN N    N N N 41  
ASN CA   C N S 42  
ASN C    C N N 43  
ASN O    O N N 44  
ASN CB   C N N 45  
ASN CG   C N N 46  
ASN OD1  O N N 47  
ASN ND2  N N N 48  
ASN OXT  O N N 49  
ASN H    H N N 50  
ASN H2   H N N 51  
ASN HA   H N N 52  
ASN HB2  H N N 53  
ASN HB3  H N N 54  
ASN HD21 H N N 55  
ASN HD22 H N N 56  
ASN HXT  H N N 57  
ASP N    N N N 58  
ASP CA   C N S 59  
ASP C    C N N 60  
ASP O    O N N 61  
ASP CB   C N N 62  
ASP CG   C N N 63  
ASP OD1  O N N 64  
ASP OD2  O N N 65  
ASP OXT  O N N 66  
ASP H    H N N 67  
ASP H2   H N N 68  
ASP HA   H N N 69  
ASP HB2  H N N 70  
ASP HB3  H N N 71  
ASP HD2  H N N 72  
ASP HXT  H N N 73  
GLN N    N N N 74  
GLN CA   C N S 75  
GLN C    C N N 76  
GLN O    O N N 77  
GLN CB   C N N 78  
GLN CG   C N N 79  
GLN CD   C N N 80  
GLN OE1  O N N 81  
GLN NE2  N N N 82  
GLN OXT  O N N 83  
GLN H    H N N 84  
GLN H2   H N N 85  
GLN HA   H N N 86  
GLN HB2  H N N 87  
GLN HB3  H N N 88  
GLN HG2  H N N 89  
GLN HG3  H N N 90  
GLN HE21 H N N 91  
GLN HE22 H N N 92  
GLN HXT  H N N 93  
GLU N    N N N 94  
GLU CA   C N S 95  
GLU C    C N N 96  
GLU O    O N N 97  
GLU CB   C N N 98  
GLU CG   C N N 99  
GLU CD   C N N 100 
GLU OE1  O N N 101 
GLU OE2  O N N 102 
GLU OXT  O N N 103 
GLU H    H N N 104 
GLU H2   H N N 105 
GLU HA   H N N 106 
GLU HB2  H N N 107 
GLU HB3  H N N 108 
GLU HG2  H N N 109 
GLU HG3  H N N 110 
GLU HE2  H N N 111 
GLU HXT  H N N 112 
GLY N    N N N 113 
GLY CA   C N N 114 
GLY C    C N N 115 
GLY O    O N N 116 
GLY OXT  O N N 117 
GLY H    H N N 118 
GLY H2   H N N 119 
GLY HA2  H N N 120 
GLY HA3  H N N 121 
GLY HXT  H N N 122 
HOH O    O N N 123 
HOH H1   H N N 124 
HOH H2   H N N 125 
ILE N    N N N 126 
ILE CA   C N S 127 
ILE C    C N N 128 
ILE O    O N N 129 
ILE CB   C N S 130 
ILE CG1  C N N 131 
ILE CG2  C N N 132 
ILE CD1  C N N 133 
ILE OXT  O N N 134 
ILE H    H N N 135 
ILE H2   H N N 136 
ILE HA   H N N 137 
ILE HB   H N N 138 
ILE HG12 H N N 139 
ILE HG13 H N N 140 
ILE HG21 H N N 141 
ILE HG22 H N N 142 
ILE HG23 H N N 143 
ILE HD11 H N N 144 
ILE HD12 H N N 145 
ILE HD13 H N N 146 
ILE HXT  H N N 147 
LEU N    N N N 148 
LEU CA   C N S 149 
LEU C    C N N 150 
LEU O    O N N 151 
LEU CB   C N N 152 
LEU CG   C N N 153 
LEU CD1  C N N 154 
LEU CD2  C N N 155 
LEU OXT  O N N 156 
LEU H    H N N 157 
LEU H2   H N N 158 
LEU HA   H N N 159 
LEU HB2  H N N 160 
LEU HB3  H N N 161 
LEU HG   H N N 162 
LEU HD11 H N N 163 
LEU HD12 H N N 164 
LEU HD13 H N N 165 
LEU HD21 H N N 166 
LEU HD22 H N N 167 
LEU HD23 H N N 168 
LEU HXT  H N N 169 
LYS N    N N N 170 
LYS CA   C N S 171 
LYS C    C N N 172 
LYS O    O N N 173 
LYS CB   C N N 174 
LYS CG   C N N 175 
LYS CD   C N N 176 
LYS CE   C N N 177 
LYS NZ   N N N 178 
LYS OXT  O N N 179 
LYS H    H N N 180 
LYS H2   H N N 181 
LYS HA   H N N 182 
LYS HB2  H N N 183 
LYS HB3  H N N 184 
LYS HG2  H N N 185 
LYS HG3  H N N 186 
LYS HD2  H N N 187 
LYS HD3  H N N 188 
LYS HE2  H N N 189 
LYS HE3  H N N 190 
LYS HZ1  H N N 191 
LYS HZ2  H N N 192 
LYS HZ3  H N N 193 
LYS HXT  H N N 194 
PHE N    N N N 195 
PHE CA   C N S 196 
PHE C    C N N 197 
PHE O    O N N 198 
PHE CB   C N N 199 
PHE CG   C Y N 200 
PHE CD1  C Y N 201 
PHE CD2  C Y N 202 
PHE CE1  C Y N 203 
PHE CE2  C Y N 204 
PHE CZ   C Y N 205 
PHE OXT  O N N 206 
PHE H    H N N 207 
PHE H2   H N N 208 
PHE HA   H N N 209 
PHE HB2  H N N 210 
PHE HB3  H N N 211 
PHE HD1  H N N 212 
PHE HD2  H N N 213 
PHE HE1  H N N 214 
PHE HE2  H N N 215 
PHE HZ   H N N 216 
PHE HXT  H N N 217 
SER N    N N N 218 
SER CA   C N S 219 
SER C    C N N 220 
SER O    O N N 221 
SER CB   C N N 222 
SER OG   O N N 223 
SER OXT  O N N 224 
SER H    H N N 225 
SER H2   H N N 226 
SER HA   H N N 227 
SER HB2  H N N 228 
SER HB3  H N N 229 
SER HG   H N N 230 
SER HXT  H N N 231 
THR N    N N N 232 
THR CA   C N S 233 
THR C    C N N 234 
THR O    O N N 235 
THR CB   C N R 236 
THR OG1  O N N 237 
THR CG2  C N N 238 
THR OXT  O N N 239 
THR H    H N N 240 
THR H2   H N N 241 
THR HA   H N N 242 
THR HB   H N N 243 
THR HG1  H N N 244 
THR HG21 H N N 245 
THR HG22 H N N 246 
THR HG23 H N N 247 
THR HXT  H N N 248 
VAL N    N N N 249 
VAL CA   C N S 250 
VAL C    C N N 251 
VAL O    O N N 252 
VAL CB   C N N 253 
VAL CG1  C N N 254 
VAL CG2  C N N 255 
VAL OXT  O N N 256 
VAL H    H N N 257 
VAL H2   H N N 258 
VAL HA   H N N 259 
VAL HB   H N N 260 
VAL HG11 H N N 261 
VAL HG12 H N N 262 
VAL HG13 H N N 263 
VAL HG21 H N N 264 
VAL HG22 H N N 265 
VAL HG23 H N N 266 
VAL HXT  H N N 267 
# 
loop_
_chem_comp_bond.comp_id 
_chem_comp_bond.atom_id_1 
_chem_comp_bond.atom_id_2 
_chem_comp_bond.value_order 
_chem_comp_bond.pdbx_aromatic_flag 
_chem_comp_bond.pdbx_stereo_config 
_chem_comp_bond.pdbx_ordinal 
ALA N   CA   sing N N 1   
ALA N   H    sing N N 2   
ALA N   H2   sing N N 3   
ALA CA  C    sing N N 4   
ALA CA  CB   sing N N 5   
ALA CA  HA   sing N N 6   
ALA C   O    doub N N 7   
ALA C   OXT  sing N N 8   
ALA CB  HB1  sing N N 9   
ALA CB  HB2  sing N N 10  
ALA CB  HB3  sing N N 11  
ALA OXT HXT  sing N N 12  
ARG N   CA   sing N N 13  
ARG N   H    sing N N 14  
ARG N   H2   sing N N 15  
ARG CA  C    sing N N 16  
ARG CA  CB   sing N N 17  
ARG CA  HA   sing N N 18  
ARG C   O    doub N N 19  
ARG C   OXT  sing N N 20  
ARG CB  CG   sing N N 21  
ARG CB  HB2  sing N N 22  
ARG CB  HB3  sing N N 23  
ARG CG  CD   sing N N 24  
ARG CG  HG2  sing N N 25  
ARG CG  HG3  sing N N 26  
ARG CD  NE   sing N N 27  
ARG CD  HD2  sing N N 28  
ARG CD  HD3  sing N N 29  
ARG NE  CZ   sing N N 30  
ARG NE  HE   sing N N 31  
ARG CZ  NH1  sing N N 32  
ARG CZ  NH2  doub N N 33  
ARG NH1 HH11 sing N N 34  
ARG NH1 HH12 sing N N 35  
ARG NH2 HH21 sing N N 36  
ARG NH2 HH22 sing N N 37  
ARG OXT HXT  sing N N 38  
ASN N   CA   sing N N 39  
ASN N   H    sing N N 40  
ASN N   H2   sing N N 41  
ASN CA  C    sing N N 42  
ASN CA  CB   sing N N 43  
ASN CA  HA   sing N N 44  
ASN C   O    doub N N 45  
ASN C   OXT  sing N N 46  
ASN CB  CG   sing N N 47  
ASN CB  HB2  sing N N 48  
ASN CB  HB3  sing N N 49  
ASN CG  OD1  doub N N 50  
ASN CG  ND2  sing N N 51  
ASN ND2 HD21 sing N N 52  
ASN ND2 HD22 sing N N 53  
ASN OXT HXT  sing N N 54  
ASP N   CA   sing N N 55  
ASP N   H    sing N N 56  
ASP N   H2   sing N N 57  
ASP CA  C    sing N N 58  
ASP CA  CB   sing N N 59  
ASP CA  HA   sing N N 60  
ASP C   O    doub N N 61  
ASP C   OXT  sing N N 62  
ASP CB  CG   sing N N 63  
ASP CB  HB2  sing N N 64  
ASP CB  HB3  sing N N 65  
ASP CG  OD1  doub N N 66  
ASP CG  OD2  sing N N 67  
ASP OD2 HD2  sing N N 68  
ASP OXT HXT  sing N N 69  
GLN N   CA   sing N N 70  
GLN N   H    sing N N 71  
GLN N   H2   sing N N 72  
GLN CA  C    sing N N 73  
GLN CA  CB   sing N N 74  
GLN CA  HA   sing N N 75  
GLN C   O    doub N N 76  
GLN C   OXT  sing N N 77  
GLN CB  CG   sing N N 78  
GLN CB  HB2  sing N N 79  
GLN CB  HB3  sing N N 80  
GLN CG  CD   sing N N 81  
GLN CG  HG2  sing N N 82  
GLN CG  HG3  sing N N 83  
GLN CD  OE1  doub N N 84  
GLN CD  NE2  sing N N 85  
GLN NE2 HE21 sing N N 86  
GLN NE2 HE22 sing N N 87  
GLN OXT HXT  sing N N 88  
GLU N   CA   sing N N 89  
GLU N   H    sing N N 90  
GLU N   H2   sing N N 91  
GLU CA  C    sing N N 92  
GLU CA  CB   sing N N 93  
GLU CA  HA   sing N N 94  
GLU C   O    doub N N 95  
GLU C   OXT  sing N N 96  
GLU CB  CG   sing N N 97  
GLU CB  HB2  sing N N 98  
GLU CB  HB3  sing N N 99  
GLU CG  CD   sing N N 100 
GLU CG  HG2  sing N N 101 
GLU CG  HG3  sing N N 102 
GLU CD  OE1  doub N N 103 
GLU CD  OE2  sing N N 104 
GLU OE2 HE2  sing N N 105 
GLU OXT HXT  sing N N 106 
GLY N   CA   sing N N 107 
GLY N   H    sing N N 108 
GLY N   H2   sing N N 109 
GLY CA  C    sing N N 110 
GLY CA  HA2  sing N N 111 
GLY CA  HA3  sing N N 112 
GLY C   O    doub N N 113 
GLY C   OXT  sing N N 114 
GLY OXT HXT  sing N N 115 
HOH O   H1   sing N N 116 
HOH O   H2   sing N N 117 
ILE N   CA   sing N N 118 
ILE N   H    sing N N 119 
ILE N   H2   sing N N 120 
ILE CA  C    sing N N 121 
ILE CA  CB   sing N N 122 
ILE CA  HA   sing N N 123 
ILE C   O    doub N N 124 
ILE C   OXT  sing N N 125 
ILE CB  CG1  sing N N 126 
ILE CB  CG2  sing N N 127 
ILE CB  HB   sing N N 128 
ILE CG1 CD1  sing N N 129 
ILE CG1 HG12 sing N N 130 
ILE CG1 HG13 sing N N 131 
ILE CG2 HG21 sing N N 132 
ILE CG2 HG22 sing N N 133 
ILE CG2 HG23 sing N N 134 
ILE CD1 HD11 sing N N 135 
ILE CD1 HD12 sing N N 136 
ILE CD1 HD13 sing N N 137 
ILE OXT HXT  sing N N 138 
LEU N   CA   sing N N 139 
LEU N   H    sing N N 140 
LEU N   H2   sing N N 141 
LEU CA  C    sing N N 142 
LEU CA  CB   sing N N 143 
LEU CA  HA   sing N N 144 
LEU C   O    doub N N 145 
LEU C   OXT  sing N N 146 
LEU CB  CG   sing N N 147 
LEU CB  HB2  sing N N 148 
LEU CB  HB3  sing N N 149 
LEU CG  CD1  sing N N 150 
LEU CG  CD2  sing N N 151 
LEU CG  HG   sing N N 152 
LEU CD1 HD11 sing N N 153 
LEU CD1 HD12 sing N N 154 
LEU CD1 HD13 sing N N 155 
LEU CD2 HD21 sing N N 156 
LEU CD2 HD22 sing N N 157 
LEU CD2 HD23 sing N N 158 
LEU OXT HXT  sing N N 159 
LYS N   CA   sing N N 160 
LYS N   H    sing N N 161 
LYS N   H2   sing N N 162 
LYS CA  C    sing N N 163 
LYS CA  CB   sing N N 164 
LYS CA  HA   sing N N 165 
LYS C   O    doub N N 166 
LYS C   OXT  sing N N 167 
LYS CB  CG   sing N N 168 
LYS CB  HB2  sing N N 169 
LYS CB  HB3  sing N N 170 
LYS CG  CD   sing N N 171 
LYS CG  HG2  sing N N 172 
LYS CG  HG3  sing N N 173 
LYS CD  CE   sing N N 174 
LYS CD  HD2  sing N N 175 
LYS CD  HD3  sing N N 176 
LYS CE  NZ   sing N N 177 
LYS CE  HE2  sing N N 178 
LYS CE  HE3  sing N N 179 
LYS NZ  HZ1  sing N N 180 
LYS NZ  HZ2  sing N N 181 
LYS NZ  HZ3  sing N N 182 
LYS OXT HXT  sing N N 183 
PHE N   CA   sing N N 184 
PHE N   H    sing N N 185 
PHE N   H2   sing N N 186 
PHE CA  C    sing N N 187 
PHE CA  CB   sing N N 188 
PHE CA  HA   sing N N 189 
PHE C   O    doub N N 190 
PHE C   OXT  sing N N 191 
PHE CB  CG   sing N N 192 
PHE CB  HB2  sing N N 193 
PHE CB  HB3  sing N N 194 
PHE CG  CD1  doub Y N 195 
PHE CG  CD2  sing Y N 196 
PHE CD1 CE1  sing Y N 197 
PHE CD1 HD1  sing N N 198 
PHE CD2 CE2  doub Y N 199 
PHE CD2 HD2  sing N N 200 
PHE CE1 CZ   doub Y N 201 
PHE CE1 HE1  sing N N 202 
PHE CE2 CZ   sing Y N 203 
PHE CE2 HE2  sing N N 204 
PHE CZ  HZ   sing N N 205 
PHE OXT HXT  sing N N 206 
SER N   CA   sing N N 207 
SER N   H    sing N N 208 
SER N   H2   sing N N 209 
SER CA  C    sing N N 210 
SER CA  CB   sing N N 211 
SER CA  HA   sing N N 212 
SER C   O    doub N N 213 
SER C   OXT  sing N N 214 
SER CB  OG   sing N N 215 
SER CB  HB2  sing N N 216 
SER CB  HB3  sing N N 217 
SER OG  HG   sing N N 218 
SER OXT HXT  sing N N 219 
THR N   CA   sing N N 220 
THR N   H    sing N N 221 
THR N   H2   sing N N 222 
THR CA  C    sing N N 223 
THR CA  CB   sing N N 224 
THR CA  HA   sing N N 225 
THR C   O    doub N N 226 
THR C   OXT  sing N N 227 
THR CB  OG1  sing N N 228 
THR CB  CG2  sing N N 229 
THR CB  HB   sing N N 230 
THR OG1 HG1  sing N N 231 
THR CG2 HG21 sing N N 232 
THR CG2 HG22 sing N N 233 
THR CG2 HG23 sing N N 234 
THR OXT HXT  sing N N 235 
VAL N   CA   sing N N 236 
VAL N   H    sing N N 237 
VAL N   H2   sing N N 238 
VAL CA  C    sing N N 239 
VAL CA  CB   sing N N 240 
VAL CA  HA   sing N N 241 
VAL C   O    doub N N 242 
VAL C   OXT  sing N N 243 
VAL CB  CG1  sing N N 244 
VAL CB  CG2  sing N N 245 
VAL CB  HB   sing N N 246 
VAL CG1 HG11 sing N N 247 
VAL CG1 HG12 sing N N 248 
VAL CG1 HG13 sing N N 249 
VAL CG2 HG21 sing N N 250 
VAL CG2 HG22 sing N N 251 
VAL CG2 HG23 sing N N 252 
VAL OXT HXT  sing N N 253 
# 
_pdbx_entity_nonpoly.entity_id   2 
_pdbx_entity_nonpoly.name        water 
_pdbx_entity_nonpoly.comp_id     HOH 
# 
_pdbx_initial_refinement_model.id               1 
_pdbx_initial_refinement_model.entity_id_list   ? 
_pdbx_initial_refinement_model.type             'experimental model' 
_pdbx_initial_refinement_model.source_name      PDB 
_pdbx_initial_refinement_model.accession_code   1ZV7 
_pdbx_initial_refinement_model.details          ? 
# 
